data_2ZGI
#
_entry.id   2ZGI
#
_cell.length_a   65.613
_cell.length_b   133.585
_cell.length_c   141.984
_cell.angle_alpha   90.00
_cell.angle_beta   90.00
_cell.angle_gamma   90.00
#
_symmetry.space_group_name_H-M   'P 21 21 21'
#
loop_
_entity.id
_entity.type
_entity.pdbx_description
1 polymer 'Putative 4-amino-4-deoxychorismate lyase'
2 non-polymer 'SULFATE ION'
3 non-polymer "PYRIDOXAL-5'-PHOSPHATE"
4 non-polymer 'TRIETHYLENE GLYCOL'
5 non-polymer DI(HYDROXYETHYL)ETHER
6 water water
#
_entity_poly.entity_id   1
_entity_poly.type   'polypeptide(L)'
_entity_poly.pdbx_seq_one_letter_code
;(MSE)RLLNGTPLALALPEAFLYHGASVFTTLRAEGGRPLWLEEHLARLRRHALALGLSYPGDEAFLEDLEALLRAFPKA
PCLRLRFTVGEGVRLSEARPYAPLPLSLYREGVRVRLTGYRVHPDLARYKTGNYLPYRLALEEARKEGAFEGLLLDAFGH
VVDGSRTSPLLFREGTLYLLEGGLEGITREKVAEAARGLGLRVERGLFRPEGLRGHLLLAGSGVGLLPVRPPPPELLPLI
ERFLPACYTE
;
_entity_poly.pdbx_strand_id   A,B,C,D
#
# COMPACT_ATOMS: atom_id res chain seq x y z
N ARG A 2 -17.67 -28.36 25.55
CA ARG A 2 -18.13 -27.48 24.48
C ARG A 2 -19.59 -27.77 24.18
N LEU A 3 -20.43 -26.74 24.26
CA LEU A 3 -21.89 -26.85 24.02
C LEU A 3 -22.36 -26.10 22.78
N LEU A 4 -23.16 -26.78 21.95
CA LEU A 4 -23.87 -26.15 20.84
C LEU A 4 -25.38 -26.05 21.11
N ASN A 5 -25.89 -24.82 21.17
CA ASN A 5 -27.28 -24.57 21.54
C ASN A 5 -27.75 -25.39 22.76
N GLY A 6 -26.88 -25.50 23.77
CA GLY A 6 -27.21 -26.15 25.02
C GLY A 6 -26.75 -27.59 25.12
N THR A 7 -26.37 -28.16 23.98
CA THR A 7 -26.03 -29.58 23.90
C THR A 7 -24.54 -29.85 23.66
N PRO A 8 -23.93 -30.74 24.48
CA PRO A 8 -22.54 -31.06 24.27
C PRO A 8 -22.24 -31.38 22.80
N LEU A 9 -21.12 -30.88 22.31
CA LEU A 9 -20.72 -31.04 20.90
C LEU A 9 -19.29 -31.55 20.78
N ALA A 10 -19.14 -32.64 20.04
CA ALA A 10 -17.84 -33.27 19.84
C ALA A 10 -17.13 -32.74 18.61
N LEU A 11 -15.81 -32.67 18.73
CA LEU A 11 -14.83 -32.62 17.62
C LEU A 11 -15.30 -32.36 16.19
N ALA A 12 -14.94 -33.26 15.28
CA ALA A 12 -15.28 -33.24 13.84
C ALA A 12 -14.39 -32.40 12.92
N LEU A 13 -14.44 -31.08 13.08
CA LEU A 13 -13.61 -30.17 12.27
C LEU A 13 -12.69 -29.35 13.18
N PRO A 14 -11.47 -29.05 12.70
CA PRO A 14 -10.53 -28.31 13.51
C PRO A 14 -11.04 -26.91 13.87
N GLU A 15 -10.55 -26.41 15.01
CA GLU A 15 -10.92 -25.08 15.49
C GLU A 15 -10.56 -23.96 14.49
N ALA A 16 -9.32 -23.97 13.99
CA ALA A 16 -8.85 -22.96 13.05
C ALA A 16 -9.84 -22.82 11.89
N PHE A 17 -10.32 -23.96 11.39
CA PHE A 17 -11.20 -24.03 10.23
C PHE A 17 -12.58 -23.44 10.53
N LEU A 18 -13.10 -23.79 11.71
CA LEU A 18 -14.45 -23.46 12.13
C LEU A 18 -14.55 -22.04 12.69
N TYR A 19 -13.57 -21.66 13.53
CA TYR A 19 -13.64 -20.39 14.27
C TYR A 19 -12.94 -19.19 13.64
N HIS A 20 -12.04 -19.47 12.70
CA HIS A 20 -11.13 -18.42 12.17
C HIS A 20 -11.19 -18.16 10.65
N GLY A 21 -12.10 -18.89 10.00
CA GLY A 21 -12.24 -18.83 8.54
C GLY A 21 -10.95 -19.24 7.83
N ALA A 22 -10.19 -20.15 8.45
CA ALA A 22 -8.86 -20.57 7.96
C ALA A 22 -8.95 -21.66 6.88
N SER A 23 -9.32 -21.23 5.69
CA SER A 23 -9.54 -22.14 4.55
C SER A 23 -9.43 -21.36 3.27
N VAL A 24 -9.18 -22.09 2.20
CA VAL A 24 -9.39 -21.56 0.85
C VAL A 24 -10.39 -22.45 0.18
N PHE A 25 -11.08 -21.91 -0.81
CA PHE A 25 -12.13 -22.68 -1.47
C PHE A 25 -12.24 -22.31 -2.93
N THR A 26 -12.95 -23.14 -3.67
CA THR A 26 -13.46 -22.72 -4.94
C THR A 26 -14.82 -23.37 -5.19
N THR A 27 -15.61 -22.75 -6.06
CA THR A 27 -16.91 -23.29 -6.44
CA THR A 27 -16.87 -23.37 -6.43
C THR A 27 -17.02 -23.47 -7.95
N LEU A 28 -17.48 -24.65 -8.36
CA LEU A 28 -17.57 -24.99 -9.78
C LEU A 28 -19.01 -25.37 -10.10
N ARG A 29 -19.36 -25.27 -11.37
CA ARG A 29 -20.64 -25.78 -11.84
C ARG A 29 -20.37 -27.05 -12.64
N ALA A 30 -21.11 -28.11 -12.37
CA ALA A 30 -21.08 -29.27 -13.27
C ALA A 30 -22.29 -29.26 -14.21
N GLU A 31 -22.03 -29.47 -15.50
CA GLU A 31 -23.05 -29.54 -16.54
C GLU A 31 -22.88 -30.82 -17.34
N GLY A 32 -24.01 -31.49 -17.58
CA GLY A 32 -24.02 -32.84 -18.17
C GLY A 32 -23.10 -33.82 -17.45
N GLY A 33 -22.99 -33.67 -16.14
CA GLY A 33 -22.11 -34.54 -15.35
C GLY A 33 -20.63 -34.30 -15.61
N ARG A 34 -20.30 -33.08 -16.02
CA ARG A 34 -18.92 -32.71 -16.28
C ARG A 34 -18.68 -31.32 -15.67
N PRO A 35 -17.66 -31.21 -14.79
CA PRO A 35 -17.39 -29.92 -14.13
C PRO A 35 -16.78 -28.92 -15.13
N LEU A 36 -17.17 -27.65 -15.03
CA LEU A 36 -16.60 -26.64 -15.92
C LEU A 36 -15.28 -26.16 -15.43
N TRP A 37 -14.29 -26.26 -16.32
CA TRP A 37 -12.94 -25.75 -16.09
C TRP A 37 -12.33 -26.33 -14.84
N LEU A 38 -12.44 -27.64 -14.72
CA LEU A 38 -11.94 -28.32 -13.52
C LEU A 38 -10.46 -28.01 -13.26
N GLU A 39 -9.66 -28.08 -14.32
CA GLU A 39 -8.22 -27.93 -14.16
C GLU A 39 -7.87 -26.56 -13.60
N GLU A 40 -8.53 -25.53 -14.13
CA GLU A 40 -8.28 -24.13 -13.76
C GLU A 40 -8.57 -23.91 -12.29
N HIS A 41 -9.70 -24.47 -11.84
CA HIS A 41 -10.15 -24.40 -10.44
C HIS A 41 -9.18 -25.06 -9.48
N LEU A 42 -8.74 -26.27 -9.83
CA LEU A 42 -7.79 -27.00 -9.01
C LEU A 42 -6.43 -26.31 -9.00
N ALA A 43 -6.00 -25.79 -10.16
CA ALA A 43 -4.73 -25.06 -10.22
C ALA A 43 -4.80 -23.81 -9.34
N ARG A 44 -5.90 -23.06 -9.41
CA ARG A 44 -6.07 -21.88 -8.52
C ARG A 44 -6.13 -22.22 -7.03
N LEU A 45 -6.89 -23.25 -6.70
CA LEU A 45 -7.12 -23.68 -5.32
C LEU A 45 -5.77 -24.08 -4.71
N ARG A 46 -4.97 -24.77 -5.52
CA ARG A 46 -3.67 -25.20 -5.07
C ARG A 46 -2.82 -23.96 -4.81
N ARG A 47 -2.86 -22.98 -5.72
CA ARG A 47 -2.07 -21.75 -5.52
C ARG A 47 -2.47 -21.02 -4.23
N HIS A 48 -3.78 -20.89 -4.01
CA HIS A 48 -4.29 -20.19 -2.84
C HIS A 48 -3.91 -20.90 -1.53
N ALA A 49 -3.99 -22.22 -1.53
CA ALA A 49 -3.68 -23.00 -0.34
C ALA A 49 -2.24 -22.77 0.02
N LEU A 50 -1.37 -22.91 -0.99
CA LEU A 50 0.06 -22.77 -0.77
C LEU A 50 0.44 -21.38 -0.31
N ALA A 51 -0.20 -20.35 -0.88
CA ALA A 51 0.10 -18.98 -0.50
C ALA A 51 -0.32 -18.72 0.94
N LEU A 52 -1.33 -19.44 1.44
CA LEU A 52 -1.75 -19.26 2.84
C LEU A 52 -1.18 -20.34 3.79
N GLY A 53 -0.23 -21.16 3.31
CA GLY A 53 0.47 -22.10 4.20
C GLY A 53 -0.34 -23.33 4.54
N LEU A 54 -1.28 -23.66 3.67
CA LEU A 54 -2.07 -24.87 3.74
C LEU A 54 -1.48 -25.90 2.79
N SER A 55 -1.43 -27.16 3.23
CA SER A 55 -1.07 -28.27 2.38
C SER A 55 -2.21 -28.47 1.38
N TYR A 56 -1.84 -28.64 0.11
CA TYR A 56 -2.83 -28.94 -0.91
C TYR A 56 -2.95 -30.46 -1.00
N PRO A 57 -4.19 -30.98 -0.94
CA PRO A 57 -4.47 -32.42 -0.90
C PRO A 57 -4.02 -33.20 -2.15
N GLY A 58 -3.84 -32.50 -3.26
CA GLY A 58 -3.50 -33.11 -4.52
C GLY A 58 -4.73 -33.29 -5.36
N ASP A 59 -4.57 -33.17 -6.68
CA ASP A 59 -5.68 -33.33 -7.61
C ASP A 59 -6.41 -34.67 -7.52
N GLU A 60 -5.63 -35.75 -7.38
CA GLU A 60 -6.20 -37.10 -7.34
C GLU A 60 -7.27 -37.24 -6.26
N ALA A 61 -6.97 -36.67 -5.08
CA ALA A 61 -7.90 -36.69 -3.96
C ALA A 61 -9.24 -36.03 -4.32
N PHE A 62 -9.16 -34.88 -4.99
CA PHE A 62 -10.37 -34.19 -5.45
C PHE A 62 -11.08 -34.95 -6.55
N LEU A 63 -10.32 -35.58 -7.44
CA LEU A 63 -10.92 -36.40 -8.51
C LEU A 63 -11.70 -37.58 -7.93
N GLU A 64 -11.10 -38.21 -6.93
CA GLU A 64 -11.77 -39.24 -6.16
C GLU A 64 -13.08 -38.76 -5.58
N ASP A 65 -13.05 -37.58 -4.94
CA ASP A 65 -14.25 -36.99 -4.35
C ASP A 65 -15.34 -36.75 -5.41
N LEU A 66 -14.88 -36.26 -6.57
CA LEU A 66 -15.74 -35.95 -7.69
C LEU A 66 -16.49 -37.18 -8.23
N GLU A 67 -15.81 -38.33 -8.24
CA GLU A 67 -16.43 -39.61 -8.64
C GLU A 67 -17.72 -39.87 -7.86
N ALA A 68 -17.69 -39.62 -6.55
CA ALA A 68 -18.88 -39.80 -5.72
C ALA A 68 -19.87 -38.64 -5.90
N LEU A 69 -19.39 -37.40 -5.76
CA LEU A 69 -20.24 -36.21 -5.90
C LEU A 69 -21.06 -36.14 -7.20
N LEU A 70 -20.44 -36.46 -8.33
CA LEU A 70 -21.10 -36.26 -9.63
C LEU A 70 -22.40 -37.08 -9.79
N ARG A 71 -22.52 -38.15 -9.00
CA ARG A 71 -23.68 -39.02 -9.02
C ARG A 71 -24.67 -38.76 -7.88
N ALA A 72 -24.42 -37.71 -7.10
CA ALA A 72 -25.17 -37.49 -5.88
C ALA A 72 -26.62 -37.03 -6.10
N PHE A 73 -26.86 -36.41 -7.25
CA PHE A 73 -28.21 -35.90 -7.57
C PHE A 73 -28.63 -36.22 -9.01
N PRO A 74 -28.91 -37.51 -9.30
CA PRO A 74 -29.17 -37.96 -10.66
C PRO A 74 -30.24 -37.18 -11.45
N LYS A 75 -31.23 -36.58 -10.77
CA LYS A 75 -32.32 -35.87 -11.49
C LYS A 75 -32.05 -34.39 -11.84
N ALA A 76 -30.94 -33.83 -11.36
CA ALA A 76 -30.62 -32.44 -11.69
C ALA A 76 -29.71 -32.36 -12.93
N PRO A 77 -30.12 -31.57 -13.95
CA PRO A 77 -29.28 -31.23 -15.11
C PRO A 77 -27.85 -30.77 -14.71
N CYS A 78 -27.77 -29.95 -13.66
CA CYS A 78 -26.49 -29.37 -13.21
C CYS A 78 -26.29 -29.43 -11.70
N LEU A 79 -25.02 -29.31 -11.28
CA LEU A 79 -24.62 -29.32 -9.87
C LEU A 79 -23.75 -28.12 -9.51
N ARG A 80 -23.92 -27.60 -8.28
CA ARG A 80 -22.98 -26.69 -7.68
C ARG A 80 -22.05 -27.49 -6.81
N LEU A 81 -20.75 -27.31 -7.08
CA LEU A 81 -19.71 -28.03 -6.38
C LEU A 81 -18.91 -27.03 -5.57
N ARG A 82 -18.46 -27.45 -4.38
CA ARG A 82 -17.52 -26.61 -3.65
C ARG A 82 -16.37 -27.48 -3.19
N PHE A 83 -15.14 -27.02 -3.42
CA PHE A 83 -13.95 -27.71 -2.90
C PHE A 83 -13.28 -26.80 -1.87
N THR A 84 -13.10 -27.29 -0.64
CA THR A 84 -12.62 -26.43 0.46
C THR A 84 -11.43 -27.06 1.15
N VAL A 85 -10.36 -26.28 1.33
CA VAL A 85 -9.11 -26.78 1.92
C VAL A 85 -8.77 -26.00 3.18
N GLY A 86 -8.52 -26.74 4.26
CA GLY A 86 -8.07 -26.19 5.54
C GLY A 86 -7.02 -27.15 6.04
N GLU A 87 -6.33 -26.79 7.11
CA GLU A 87 -5.33 -27.66 7.72
C GLU A 87 -6.08 -28.87 8.28
N GLY A 88 -5.67 -30.08 7.90
CA GLY A 88 -6.37 -31.32 8.29
C GLY A 88 -7.69 -31.61 7.56
N VAL A 89 -8.07 -30.75 6.60
CA VAL A 89 -9.43 -30.71 6.05
C VAL A 89 -9.47 -30.62 4.53
N ARG A 90 -10.05 -31.65 3.91
CA ARG A 90 -10.48 -31.60 2.52
C ARG A 90 -11.98 -31.84 2.53
N LEU A 91 -12.73 -30.77 2.25
CA LEU A 91 -14.17 -30.78 2.31
C LEU A 91 -14.73 -30.50 0.92
N SER A 92 -15.39 -31.52 0.36
CA SER A 92 -15.90 -31.51 -1.00
C SER A 92 -17.41 -31.82 -0.98
N GLU A 93 -18.19 -30.99 -1.65
CA GLU A 93 -19.63 -31.12 -1.62
C GLU A 93 -20.28 -30.79 -2.94
N ALA A 94 -21.54 -31.21 -3.04
CA ALA A 94 -22.36 -31.02 -4.23
C ALA A 94 -23.81 -30.76 -3.80
N ARG A 95 -24.51 -29.93 -4.56
CA ARG A 95 -25.96 -29.72 -4.40
C ARG A 95 -26.49 -29.43 -5.78
N PRO A 96 -27.81 -29.62 -5.99
CA PRO A 96 -28.41 -29.22 -7.26
C PRO A 96 -28.18 -27.75 -7.56
N TYR A 97 -27.84 -27.44 -8.80
CA TYR A 97 -27.73 -26.07 -9.26
C TYR A 97 -29.10 -25.57 -9.70
N ALA A 98 -29.51 -24.41 -9.22
CA ALA A 98 -30.79 -23.83 -9.66
C ALA A 98 -30.55 -22.58 -10.49
N PRO A 99 -30.62 -22.70 -11.84
CA PRO A 99 -30.34 -21.57 -12.72
C PRO A 99 -31.26 -20.38 -12.49
N LEU A 100 -30.70 -19.19 -12.64
CA LEU A 100 -31.51 -17.99 -12.69
C LEU A 100 -32.46 -18.12 -13.89
N PRO A 101 -33.61 -17.43 -13.84
CA PRO A 101 -34.48 -17.35 -15.00
C PRO A 101 -33.73 -16.81 -16.21
N LEU A 102 -34.00 -17.37 -17.38
CA LEU A 102 -33.36 -16.90 -18.61
C LEU A 102 -33.52 -15.39 -18.81
N SER A 103 -34.67 -14.88 -18.36
CA SER A 103 -35.06 -13.47 -18.58
C SER A 103 -34.13 -12.49 -17.88
N LEU A 104 -33.37 -12.99 -16.92
CA LEU A 104 -32.37 -12.17 -16.24
C LEU A 104 -31.14 -11.93 -17.11
N TYR A 105 -30.82 -12.88 -18.00
CA TYR A 105 -29.74 -12.69 -18.97
C TYR A 105 -30.12 -11.79 -20.13
N ARG A 106 -31.42 -11.61 -20.35
CA ARG A 106 -31.95 -10.75 -21.43
C ARG A 106 -32.21 -9.34 -20.95
N GLU A 107 -32.63 -9.24 -19.68
CA GLU A 107 -33.09 -7.98 -19.14
C GLU A 107 -32.07 -7.37 -18.20
N GLY A 108 -31.20 -8.22 -17.66
CA GLY A 108 -30.15 -7.78 -16.75
C GLY A 108 -30.62 -7.68 -15.32
N VAL A 109 -29.66 -7.65 -14.41
CA VAL A 109 -29.93 -7.50 -13.00
C VAL A 109 -29.51 -6.09 -12.51
N ARG A 110 -29.64 -5.83 -11.21
CA ARG A 110 -29.18 -4.57 -10.66
C ARG A 110 -27.94 -4.85 -9.81
N VAL A 111 -27.10 -3.84 -9.64
CA VAL A 111 -26.02 -3.91 -8.68
C VAL A 111 -26.12 -2.79 -7.67
N ARG A 112 -25.50 -3.03 -6.53
CA ARG A 112 -25.39 -2.06 -5.47
C ARG A 112 -23.89 -1.85 -5.21
N LEU A 113 -23.41 -0.63 -5.44
CA LEU A 113 -22.07 -0.28 -4.97
C LEU A 113 -22.15 -0.16 -3.44
N THR A 114 -21.31 -0.90 -2.71
CA THR A 114 -21.32 -0.82 -1.26
C THR A 114 -20.05 -0.11 -0.82
N GLY A 115 -19.97 0.16 0.49
CA GLY A 115 -18.79 0.78 1.12
C GLY A 115 -17.83 -0.23 1.71
N TYR A 116 -18.16 -1.52 1.58
CA TYR A 116 -17.31 -2.57 2.13
C TYR A 116 -16.03 -2.68 1.33
N ARG A 117 -14.94 -2.91 2.05
CA ARG A 117 -13.63 -3.08 1.44
C ARG A 117 -13.25 -4.56 1.44
N VAL A 118 -12.55 -4.98 0.39
CA VAL A 118 -11.72 -6.21 0.44
C VAL A 118 -10.57 -6.16 1.46
N HIS A 119 -10.02 -7.32 1.82
CA HIS A 119 -8.88 -7.31 2.74
C HIS A 119 -7.59 -7.02 1.99
N PRO A 120 -6.79 -6.08 2.49
CA PRO A 120 -5.63 -5.74 1.67
C PRO A 120 -4.68 -6.92 1.47
N ASP A 121 -4.65 -7.86 2.42
CA ASP A 121 -3.76 -9.04 2.30
C ASP A 121 -4.43 -10.25 1.66
N LEU A 122 -5.74 -10.34 1.75
CA LEU A 122 -6.42 -11.58 1.34
C LEU A 122 -7.24 -11.47 0.06
N ALA A 123 -7.29 -10.26 -0.52
CA ALA A 123 -8.24 -9.96 -1.61
C ALA A 123 -8.02 -10.79 -2.86
N ARG A 124 -6.78 -11.25 -3.06
CA ARG A 124 -6.43 -12.03 -4.24
CA ARG A 124 -6.44 -12.03 -4.25
C ARG A 124 -6.63 -13.53 -4.04
N TYR A 125 -7.09 -13.92 -2.85
CA TYR A 125 -7.32 -15.33 -2.50
C TYR A 125 -8.77 -15.57 -2.18
N LYS A 126 -9.23 -16.74 -2.57
CA LYS A 126 -10.61 -17.17 -2.33
C LYS A 126 -10.61 -17.91 -0.98
N THR A 127 -10.82 -17.16 0.13
CA THR A 127 -10.64 -17.68 1.49
C THR A 127 -11.94 -17.75 2.32
N GLY A 128 -11.87 -18.50 3.43
CA GLY A 128 -12.95 -18.56 4.43
C GLY A 128 -13.19 -17.27 5.19
N ASN A 129 -12.33 -16.27 5.01
CA ASN A 129 -12.63 -14.96 5.58
C ASN A 129 -13.53 -14.19 4.60
N TYR A 130 -14.81 -14.56 4.58
CA TYR A 130 -15.70 -14.12 3.50
C TYR A 130 -16.72 -13.06 3.93
N LEU A 131 -16.63 -12.62 5.18
CA LEU A 131 -17.66 -11.75 5.74
C LEU A 131 -17.82 -10.45 4.98
N PRO A 132 -16.69 -9.86 4.52
CA PRO A 132 -16.86 -8.60 3.80
C PRO A 132 -17.73 -8.80 2.53
N TYR A 133 -17.57 -9.95 1.88
CA TYR A 133 -18.33 -10.26 0.65
C TYR A 133 -19.80 -10.60 1.00
N ARG A 134 -19.99 -11.44 2.03
CA ARG A 134 -21.34 -11.75 2.48
CA ARG A 134 -21.32 -11.77 2.57
C ARG A 134 -22.10 -10.49 2.88
N LEU A 135 -21.47 -9.61 3.66
CA LEU A 135 -22.06 -8.33 4.07
C LEU A 135 -22.45 -7.44 2.89
N ALA A 136 -21.55 -7.36 1.88
CA ALA A 136 -21.83 -6.63 0.65
C ALA A 136 -23.06 -7.17 -0.08
N LEU A 137 -23.16 -8.50 -0.13
CA LEU A 137 -24.34 -9.11 -0.79
C LEU A 137 -25.62 -8.86 0.00
N GLU A 138 -25.51 -8.91 1.34
CA GLU A 138 -26.64 -8.58 2.22
C GLU A 138 -27.15 -7.17 1.96
N GLU A 139 -26.23 -6.19 1.91
CA GLU A 139 -26.59 -4.82 1.53
C GLU A 139 -27.29 -4.75 0.17
N ALA A 140 -26.79 -5.48 -0.82
CA ALA A 140 -27.38 -5.44 -2.13
C ALA A 140 -28.81 -6.01 -2.15
N ARG A 141 -28.96 -7.16 -1.51
CA ARG A 141 -30.27 -7.84 -1.40
C ARG A 141 -31.31 -6.96 -0.69
N LYS A 142 -30.86 -6.19 0.30
CA LYS A 142 -31.71 -5.21 0.97
C LYS A 142 -32.42 -4.28 -0.04
N GLU A 143 -31.89 -4.17 -1.25
CA GLU A 143 -32.60 -3.48 -2.34
C GLU A 143 -33.00 -4.38 -3.46
N GLY A 144 -32.93 -5.69 -3.20
CA GLY A 144 -33.21 -6.69 -4.23
C GLY A 144 -32.20 -6.66 -5.38
N ALA A 145 -31.09 -5.94 -5.21
CA ALA A 145 -30.00 -5.98 -6.22
C ALA A 145 -29.40 -7.37 -6.18
N PHE A 146 -28.82 -7.82 -7.30
CA PHE A 146 -28.32 -9.19 -7.41
C PHE A 146 -26.93 -9.33 -6.79
N GLU A 147 -26.16 -8.25 -6.88
CA GLU A 147 -24.76 -8.30 -6.47
C GLU A 147 -24.37 -6.99 -5.81
N GLY A 148 -23.53 -7.10 -4.79
CA GLY A 148 -22.89 -5.93 -4.18
C GLY A 148 -21.41 -5.78 -4.60
N LEU A 149 -20.98 -4.54 -4.79
CA LEU A 149 -19.60 -4.31 -5.22
C LEU A 149 -18.74 -3.81 -4.07
N LEU A 150 -17.49 -4.28 -4.02
CA LEU A 150 -16.55 -3.88 -2.97
C LEU A 150 -15.39 -3.01 -3.48
N LEU A 151 -14.74 -2.31 -2.56
CA LEU A 151 -13.67 -1.35 -2.85
C LEU A 151 -12.37 -1.88 -2.31
N ASP A 152 -11.23 -1.33 -2.76
CA ASP A 152 -9.94 -1.46 -2.05
C ASP A 152 -9.72 -0.24 -1.15
N ALA A 153 -8.58 -0.20 -0.46
CA ALA A 153 -8.25 0.88 0.45
C ALA A 153 -8.12 2.27 -0.20
N PHE A 154 -8.09 2.30 -1.53
CA PHE A 154 -7.88 3.53 -2.31
C PHE A 154 -9.18 4.03 -2.96
N GLY A 155 -10.26 3.28 -2.79
CA GLY A 155 -11.57 3.71 -3.32
C GLY A 155 -11.88 3.15 -4.69
N HIS A 156 -11.04 2.25 -5.21
CA HIS A 156 -11.32 1.60 -6.49
C HIS A 156 -12.42 0.57 -6.26
N VAL A 157 -13.24 0.34 -7.27
CA VAL A 157 -14.20 -0.78 -7.28
C VAL A 157 -13.44 -1.99 -7.81
N VAL A 158 -13.29 -3.03 -6.98
CA VAL A 158 -12.37 -4.12 -7.32
C VAL A 158 -12.99 -5.52 -7.37
N ASP A 159 -14.27 -5.66 -6.99
CA ASP A 159 -14.83 -7.00 -6.97
C ASP A 159 -16.31 -6.96 -6.69
N GLY A 160 -17.02 -8.03 -7.05
CA GLY A 160 -18.34 -8.31 -6.49
C GLY A 160 -18.23 -9.36 -5.40
N SER A 161 -19.30 -9.55 -4.63
CA SER A 161 -19.23 -10.52 -3.52
C SER A 161 -18.96 -11.91 -4.01
N ARG A 162 -19.50 -12.27 -5.18
CA ARG A 162 -19.28 -13.63 -5.75
C ARG A 162 -19.10 -13.69 -7.27
N THR A 163 -18.99 -12.51 -7.89
CA THR A 163 -18.77 -12.39 -9.33
C THR A 163 -17.68 -11.35 -9.60
N SER A 164 -17.14 -11.40 -10.82
CA SER A 164 -16.07 -10.51 -11.24
C SER A 164 -16.67 -9.49 -12.23
N PRO A 165 -16.45 -8.20 -11.95
CA PRO A 165 -17.12 -7.17 -12.76
C PRO A 165 -16.33 -6.80 -14.01
N LEU A 166 -17.07 -6.58 -15.09
CA LEU A 166 -16.51 -6.14 -16.36
C LEU A 166 -17.32 -4.93 -16.77
N LEU A 167 -16.71 -4.08 -17.58
CA LEU A 167 -17.36 -2.83 -18.04
C LEU A 167 -17.20 -2.70 -19.56
N PHE A 168 -18.31 -2.60 -20.27
CA PHE A 168 -18.25 -2.35 -21.71
C PHE A 168 -18.55 -0.89 -21.99
N ARG A 169 -17.59 -0.20 -22.61
CA ARG A 169 -17.64 1.25 -22.89
C ARG A 169 -16.75 1.52 -24.09
N GLU A 170 -17.09 2.55 -24.88
CA GLU A 170 -16.40 2.84 -26.14
C GLU A 170 -16.61 1.63 -27.04
N GLY A 171 -15.55 1.11 -27.63
CA GLY A 171 -15.68 -0.20 -28.29
C GLY A 171 -15.11 -1.36 -27.51
N THR A 172 -14.98 -1.20 -26.19
CA THR A 172 -14.04 -1.98 -25.38
C THR A 172 -14.65 -2.70 -24.15
N LEU A 173 -14.31 -3.98 -23.99
CA LEU A 173 -14.67 -4.73 -22.79
C LEU A 173 -13.50 -4.62 -21.79
N TYR A 174 -13.76 -3.97 -20.66
CA TYR A 174 -12.75 -3.82 -19.62
C TYR A 174 -12.97 -4.82 -18.50
N LEU A 175 -11.87 -5.41 -18.06
CA LEU A 175 -11.83 -6.21 -16.86
C LEU A 175 -11.31 -5.33 -15.72
N LEU A 176 -12.14 -5.14 -14.69
CA LEU A 176 -11.75 -4.36 -13.52
C LEU A 176 -10.65 -5.07 -12.79
N GLU A 177 -9.59 -4.34 -12.51
CA GLU A 177 -8.50 -4.90 -11.75
C GLU A 177 -8.66 -4.67 -10.24
N GLY A 178 -7.97 -5.49 -9.46
CA GLY A 178 -7.82 -5.22 -8.04
C GLY A 178 -8.38 -6.31 -7.14
N GLY A 179 -9.18 -7.20 -7.71
CA GLY A 179 -9.84 -8.21 -6.87
C GLY A 179 -9.37 -9.61 -7.19
N LEU A 180 -10.24 -10.58 -6.93
CA LEU A 180 -9.95 -11.98 -7.24
C LEU A 180 -9.82 -12.16 -8.75
N GLU A 181 -8.82 -12.92 -9.16
CA GLU A 181 -8.69 -13.33 -10.55
C GLU A 181 -9.70 -14.45 -10.80
N GLY A 182 -10.91 -14.06 -11.16
CA GLY A 182 -11.98 -14.99 -11.45
C GLY A 182 -11.70 -15.79 -12.70
N ILE A 183 -12.02 -17.08 -12.64
CA ILE A 183 -11.83 -17.98 -13.76
C ILE A 183 -12.84 -17.64 -14.85
N THR A 184 -14.11 -17.44 -14.49
CA THR A 184 -15.14 -17.15 -15.51
C THR A 184 -14.77 -15.89 -16.28
N ARG A 185 -14.33 -14.85 -15.58
CA ARG A 185 -14.02 -13.61 -16.28
C ARG A 185 -12.84 -13.77 -17.27
N GLU A 186 -11.85 -14.61 -16.94
CA GLU A 186 -10.72 -14.82 -17.84
C GLU A 186 -11.18 -15.58 -19.09
N LYS A 187 -12.08 -16.55 -18.90
CA LYS A 187 -12.62 -17.28 -20.04
C LYS A 187 -13.47 -16.38 -20.93
N VAL A 188 -14.27 -15.53 -20.31
CA VAL A 188 -15.05 -14.51 -21.04
C VAL A 188 -14.14 -13.61 -21.88
N ALA A 189 -13.06 -13.10 -21.26
CA ALA A 189 -12.06 -12.25 -21.94
C ALA A 189 -11.51 -13.03 -23.13
N GLU A 190 -11.06 -14.28 -22.89
CA GLU A 190 -10.59 -15.16 -23.95
CA GLU A 190 -10.59 -15.15 -23.96
C GLU A 190 -11.60 -15.27 -25.09
N ALA A 191 -12.86 -15.55 -24.76
CA ALA A 191 -13.92 -15.67 -25.77
C ALA A 191 -14.19 -14.37 -26.53
N ALA A 192 -14.29 -13.25 -25.80
CA ALA A 192 -14.41 -11.92 -26.41
C ALA A 192 -13.28 -11.60 -27.38
N ARG A 193 -12.03 -11.87 -26.98
CA ARG A 193 -10.90 -11.70 -27.91
C ARG A 193 -11.17 -12.58 -29.13
N GLY A 194 -11.45 -13.86 -28.89
CA GLY A 194 -11.77 -14.83 -29.94
C GLY A 194 -12.82 -14.39 -30.94
N LEU A 195 -13.67 -13.45 -30.53
CA LEU A 195 -14.72 -12.89 -31.39
C LEU A 195 -14.33 -11.53 -31.99
N GLY A 196 -13.03 -11.19 -31.90
CA GLY A 196 -12.53 -9.90 -32.41
C GLY A 196 -13.04 -8.67 -31.65
N LEU A 197 -13.37 -8.83 -30.37
CA LEU A 197 -13.75 -7.67 -29.55
C LEU A 197 -12.49 -7.14 -28.90
N ARG A 198 -12.50 -5.84 -28.64
CA ARG A 198 -11.45 -5.19 -27.90
C ARG A 198 -11.55 -5.44 -26.38
N VAL A 199 -10.53 -6.04 -25.79
CA VAL A 199 -10.52 -6.36 -24.35
C VAL A 199 -9.28 -5.73 -23.71
N GLU A 200 -9.47 -5.10 -22.55
CA GLU A 200 -8.42 -4.41 -21.84
C GLU A 200 -8.70 -4.56 -20.35
N ARG A 201 -7.68 -4.31 -19.54
CA ARG A 201 -7.80 -4.26 -18.09
C ARG A 201 -7.59 -2.83 -17.65
N GLY A 202 -8.23 -2.50 -16.54
CA GLY A 202 -8.08 -1.18 -15.95
C GLY A 202 -8.51 -1.16 -14.50
N LEU A 203 -7.96 -0.20 -13.78
CA LEU A 203 -8.33 0.09 -12.41
C LEU A 203 -9.35 1.21 -12.42
N PHE A 204 -10.55 0.92 -11.89
CA PHE A 204 -11.67 1.85 -11.97
C PHE A 204 -12.15 2.34 -10.61
N ARG A 205 -12.57 3.60 -10.57
CA ARG A 205 -13.30 4.12 -9.45
C ARG A 205 -14.78 4.18 -9.81
N PRO A 206 -15.66 4.34 -8.80
CA PRO A 206 -17.10 4.36 -9.10
C PRO A 206 -17.44 5.37 -10.18
N GLU A 207 -16.78 6.53 -10.18
CA GLU A 207 -17.08 7.59 -11.14
C GLU A 207 -16.64 7.22 -12.52
N GLY A 208 -15.74 6.26 -12.65
CA GLY A 208 -15.31 5.80 -13.96
C GLY A 208 -16.16 4.68 -14.56
N LEU A 209 -17.26 4.31 -13.90
CA LEU A 209 -17.99 3.10 -14.33
C LEU A 209 -19.14 3.33 -15.32
N ARG A 210 -18.92 4.26 -16.26
CA ARG A 210 -19.94 4.66 -17.21
C ARG A 210 -19.93 3.66 -18.34
N GLY A 211 -21.10 3.24 -18.80
CA GLY A 211 -21.17 2.18 -19.79
C GLY A 211 -21.84 0.99 -19.12
N HIS A 212 -21.77 -0.17 -19.75
CA HIS A 212 -22.54 -1.34 -19.32
C HIS A 212 -21.71 -2.28 -18.47
N LEU A 213 -22.08 -2.42 -17.20
CA LEU A 213 -21.47 -3.42 -16.33
C LEU A 213 -21.96 -4.84 -16.64
N LEU A 214 -21.07 -5.81 -16.45
CA LEU A 214 -21.44 -7.21 -16.45
C LEU A 214 -20.72 -7.91 -15.33
N LEU A 215 -21.22 -9.08 -14.97
CA LEU A 215 -20.70 -9.81 -13.83
C LEU A 215 -20.46 -11.21 -14.30
N ALA A 216 -19.28 -11.74 -14.01
CA ALA A 216 -18.93 -13.10 -14.36
C ALA A 216 -18.63 -13.95 -13.12
N GLY A 217 -19.08 -15.20 -13.10
CA GLY A 217 -18.72 -16.08 -12.00
C GLY A 217 -19.22 -17.48 -12.22
N SER A 218 -18.64 -18.43 -11.50
CA SER A 218 -18.96 -19.85 -11.73
C SER A 218 -20.41 -20.19 -11.45
N GLY A 219 -21.01 -19.42 -10.55
CA GLY A 219 -22.41 -19.55 -10.24
C GLY A 219 -23.36 -19.06 -11.30
N VAL A 220 -22.95 -18.13 -12.16
CA VAL A 220 -23.91 -17.49 -13.09
C VAL A 220 -23.55 -17.44 -14.58
N GLY A 221 -22.29 -17.69 -14.92
CA GLY A 221 -21.85 -17.49 -16.30
C GLY A 221 -21.54 -16.01 -16.51
N LEU A 222 -22.11 -15.41 -17.55
CA LEU A 222 -21.94 -13.97 -17.77
C LEU A 222 -23.29 -13.26 -17.68
N LEU A 223 -23.44 -12.48 -16.62
CA LEU A 223 -24.69 -11.82 -16.28
C LEU A 223 -24.60 -10.31 -16.44
N PRO A 224 -25.36 -9.75 -17.41
CA PRO A 224 -25.45 -8.31 -17.65
C PRO A 224 -26.20 -7.55 -16.54
N VAL A 225 -25.75 -6.32 -16.28
CA VAL A 225 -26.38 -5.46 -15.30
C VAL A 225 -27.18 -4.49 -16.15
N ARG A 226 -28.50 -4.49 -15.96
CA ARG A 226 -29.38 -3.73 -16.86
C ARG A 226 -29.37 -4.40 -18.23
N PRO A 227 -30.21 -3.91 -19.17
CA PRO A 227 -30.18 -4.54 -20.47
C PRO A 227 -28.79 -4.47 -21.07
N PRO A 228 -28.32 -5.60 -21.62
CA PRO A 228 -26.98 -5.71 -22.18
C PRO A 228 -26.83 -4.89 -23.44
N PRO A 229 -25.60 -4.46 -23.75
CA PRO A 229 -25.32 -3.91 -25.08
C PRO A 229 -25.43 -5.03 -26.11
N PRO A 230 -25.97 -4.72 -27.30
CA PRO A 230 -26.16 -5.69 -28.39
C PRO A 230 -24.86 -6.39 -28.80
N GLU A 231 -23.76 -5.63 -28.84
CA GLU A 231 -22.46 -6.19 -29.19
C GLU A 231 -22.07 -7.42 -28.35
N LEU A 232 -22.61 -7.54 -27.14
CA LEU A 232 -22.26 -8.67 -26.26
C LEU A 232 -23.32 -9.79 -26.13
N LEU A 233 -24.43 -9.68 -26.85
CA LEU A 233 -25.41 -10.77 -26.83
C LEU A 233 -24.79 -12.13 -27.15
N PRO A 234 -23.96 -12.24 -28.21
CA PRO A 234 -23.42 -13.57 -28.44
C PRO A 234 -22.48 -14.03 -27.32
N LEU A 235 -21.76 -13.09 -26.70
CA LEU A 235 -20.80 -13.44 -25.64
C LEU A 235 -21.54 -14.00 -24.43
N ILE A 236 -22.64 -13.35 -24.06
CA ILE A 236 -23.55 -13.81 -22.99
C ILE A 236 -24.18 -15.18 -23.27
N GLU A 237 -24.72 -15.35 -24.48
CA GLU A 237 -25.20 -16.65 -24.98
C GLU A 237 -24.21 -17.78 -24.73
N ARG A 238 -22.94 -17.51 -25.03
CA ARG A 238 -21.88 -18.52 -24.98
C ARG A 238 -21.63 -19.01 -23.55
N PHE A 239 -21.84 -18.13 -22.57
CA PHE A 239 -21.58 -18.47 -21.16
C PHE A 239 -22.82 -18.78 -20.31
N LEU A 240 -24.00 -18.75 -20.93
CA LEU A 240 -25.23 -19.12 -20.26
C LEU A 240 -25.13 -20.54 -19.69
N PRO A 241 -25.52 -20.72 -18.44
CA PRO A 241 -25.53 -22.10 -17.93
C PRO A 241 -26.41 -23.06 -18.76
N ALA A 242 -25.87 -24.24 -19.05
CA ALA A 242 -26.54 -25.25 -19.86
C ALA A 242 -27.40 -26.13 -18.95
N CYS A 243 -28.41 -25.52 -18.33
CA CYS A 243 -29.06 -26.10 -17.17
C CYS A 243 -30.58 -26.00 -17.18
N TYR A 244 -31.12 -25.57 -18.32
CA TYR A 244 -32.56 -25.47 -18.57
C TYR A 244 -33.14 -26.71 -19.30
N ARG B 2 29.79 15.98 -22.56
CA ARG B 2 28.55 16.76 -22.41
C ARG B 2 28.54 18.00 -23.30
N LEU B 3 27.41 18.24 -23.97
CA LEU B 3 27.10 19.54 -24.61
C LEU B 3 25.96 20.26 -23.89
N LEU B 4 26.17 21.53 -23.56
CA LEU B 4 25.10 22.36 -23.01
C LEU B 4 24.70 23.38 -24.07
N ASN B 5 23.47 23.23 -24.56
CA ASN B 5 22.98 24.09 -25.63
C ASN B 5 23.98 24.17 -26.79
N GLY B 6 24.62 23.04 -27.09
CA GLY B 6 25.50 22.93 -28.25
C GLY B 6 26.96 23.18 -27.96
N THR B 7 27.26 23.62 -26.74
CA THR B 7 28.63 23.96 -26.34
C THR B 7 29.16 22.95 -25.35
N PRO B 8 30.35 22.38 -25.61
CA PRO B 8 30.98 21.50 -24.62
C PRO B 8 30.92 22.07 -23.20
N LEU B 9 30.40 21.26 -22.27
CA LEU B 9 30.29 21.62 -20.87
C LEU B 9 31.23 20.73 -20.06
N ALA B 10 32.04 21.33 -19.20
CA ALA B 10 33.00 20.56 -18.41
C ALA B 10 32.38 19.99 -17.13
N LEU B 11 32.77 18.76 -16.80
CA LEU B 11 32.19 17.97 -15.68
C LEU B 11 31.48 18.76 -14.55
N ALA B 12 32.28 19.33 -13.65
CA ALA B 12 31.81 20.12 -12.49
C ALA B 12 30.94 19.33 -11.48
N LEU B 13 29.69 19.08 -11.86
CA LEU B 13 28.76 18.39 -10.97
C LEU B 13 28.54 16.93 -11.41
N PRO B 14 28.46 16.00 -10.44
CA PRO B 14 28.30 14.59 -10.77
C PRO B 14 26.89 14.30 -11.34
N GLU B 15 26.83 13.28 -12.21
CA GLU B 15 25.58 12.84 -12.90
C GLU B 15 24.38 12.74 -11.97
N ALA B 16 24.51 11.99 -10.87
CA ALA B 16 23.37 11.77 -9.97
C ALA B 16 22.79 13.10 -9.43
N PHE B 17 23.68 14.01 -9.01
CA PHE B 17 23.23 15.32 -8.51
C PHE B 17 22.55 16.10 -9.64
N LEU B 18 23.15 16.03 -10.82
CA LEU B 18 22.76 16.87 -11.96
C LEU B 18 21.44 16.40 -12.64
N TYR B 19 21.30 15.10 -12.80
CA TYR B 19 20.25 14.53 -13.64
C TYR B 19 19.17 13.84 -12.84
N HIS B 20 19.45 13.49 -11.60
CA HIS B 20 18.55 12.58 -10.86
C HIS B 20 17.93 13.19 -9.61
N GLY B 21 18.19 14.48 -9.38
CA GLY B 21 17.70 15.17 -8.18
C GLY B 21 18.21 14.47 -6.93
N ALA B 22 19.34 13.76 -7.05
CA ALA B 22 19.89 12.96 -5.95
C ALA B 22 20.62 13.86 -4.94
N SER B 23 19.82 14.57 -4.12
CA SER B 23 20.33 15.45 -3.09
C SER B 23 19.33 15.56 -1.95
N VAL B 24 19.83 16.01 -0.80
CA VAL B 24 18.95 16.44 0.31
C VAL B 24 19.40 17.88 0.61
N PHE B 25 18.53 18.65 1.23
CA PHE B 25 18.80 20.07 1.33
C PHE B 25 18.01 20.60 2.50
N THR B 26 18.40 21.77 2.96
CA THR B 26 17.55 22.49 3.91
C THR B 26 17.75 23.97 3.62
N THR B 27 16.76 24.77 3.99
CA THR B 27 16.81 26.20 3.79
C THR B 27 16.66 26.90 5.16
N LEU B 28 17.52 27.87 5.42
CA LEU B 28 17.54 28.54 6.73
C LEU B 28 17.29 30.04 6.60
N ARG B 29 16.93 30.66 7.71
CA ARG B 29 16.92 32.10 7.78
C ARG B 29 17.94 32.53 8.83
N ALA B 30 18.72 33.58 8.51
CA ALA B 30 19.61 34.17 9.51
C ALA B 30 19.13 35.57 9.77
N GLU B 31 19.12 35.96 11.04
CA GLU B 31 18.71 37.31 11.42
C GLU B 31 19.93 37.93 12.11
N GLY B 32 20.44 39.03 11.58
CA GLY B 32 21.66 39.62 12.11
C GLY B 32 22.87 38.70 12.11
N GLY B 33 22.92 37.76 11.15
CA GLY B 33 24.11 36.94 10.93
C GLY B 33 24.14 35.55 11.54
N ARG B 34 23.23 35.25 12.45
CA ARG B 34 23.20 33.95 13.12
C ARG B 34 22.04 33.13 12.55
N PRO B 35 22.32 31.90 12.05
CA PRO B 35 21.20 31.21 11.42
C PRO B 35 20.30 30.53 12.43
N LEU B 36 18.99 30.73 12.28
CA LEU B 36 18.03 30.21 13.23
C LEU B 36 17.98 28.70 13.19
N TRP B 37 18.09 28.09 14.35
CA TRP B 37 17.94 26.64 14.49
C TRP B 37 18.95 25.88 13.65
N LEU B 38 20.18 26.41 13.62
CA LEU B 38 21.26 25.84 12.81
C LEU B 38 21.51 24.38 13.17
N GLU B 39 21.59 24.09 14.47
CA GLU B 39 21.83 22.72 14.94
C GLU B 39 20.73 21.75 14.47
N GLU B 40 19.47 22.15 14.64
CA GLU B 40 18.34 21.34 14.19
C GLU B 40 18.37 21.11 12.67
N HIS B 41 18.71 22.16 11.91
CA HIS B 41 18.77 22.08 10.46
C HIS B 41 19.85 21.11 10.03
N LEU B 42 21.03 21.25 10.61
CA LEU B 42 22.15 20.34 10.34
C LEU B 42 21.89 18.88 10.76
N ALA B 43 21.25 18.69 11.91
CA ALA B 43 20.93 17.34 12.41
C ALA B 43 19.99 16.67 11.44
N ARG B 44 18.98 17.42 11.01
CA ARG B 44 18.01 16.86 10.05
C ARG B 44 18.63 16.55 8.67
N LEU B 45 19.42 17.50 8.15
CA LEU B 45 20.15 17.30 6.91
C LEU B 45 21.00 16.00 7.00
N ARG B 46 21.67 15.79 8.11
CA ARG B 46 22.42 14.54 8.32
C ARG B 46 21.50 13.31 8.29
N ARG B 47 20.36 13.34 8.97
CA ARG B 47 19.47 12.18 9.02
C ARG B 47 18.93 11.88 7.64
N HIS B 48 18.57 12.94 6.91
CA HIS B 48 18.06 12.76 5.54
C HIS B 48 19.07 12.19 4.58
N ALA B 49 20.30 12.72 4.61
CA ALA B 49 21.40 12.17 3.83
C ALA B 49 21.63 10.68 4.15
N LEU B 50 21.75 10.34 5.43
CA LEU B 50 21.99 8.94 5.84
C LEU B 50 20.87 8.01 5.36
N ALA B 51 19.62 8.46 5.49
CA ALA B 51 18.50 7.64 5.11
C ALA B 51 18.49 7.32 3.62
N LEU B 52 19.08 8.20 2.81
CA LEU B 52 19.08 8.03 1.35
C LEU B 52 20.41 7.61 0.72
N GLY B 53 21.38 7.23 1.54
CA GLY B 53 22.65 6.67 1.08
C GLY B 53 23.61 7.74 0.60
N LEU B 54 23.37 8.98 1.01
CA LEU B 54 24.22 10.11 0.64
C LEU B 54 25.17 10.38 1.80
N SER B 55 26.44 10.52 1.48
CA SER B 55 27.46 10.74 2.48
C SER B 55 27.32 12.16 2.99
N TYR B 56 27.15 12.30 4.30
CA TYR B 56 27.06 13.60 4.92
C TYR B 56 28.48 14.05 5.32
N PRO B 57 28.87 15.30 5.00
CA PRO B 57 30.27 15.70 5.18
C PRO B 57 30.70 16.17 6.57
N GLY B 58 29.77 16.21 7.51
CA GLY B 58 30.04 16.75 8.83
C GLY B 58 29.54 18.19 8.96
N ASP B 59 29.09 18.53 10.16
CA ASP B 59 28.67 19.88 10.50
C ASP B 59 29.75 20.93 10.22
N GLU B 60 31.00 20.61 10.58
CA GLU B 60 32.12 21.58 10.42
C GLU B 60 32.33 22.03 8.96
N ALA B 61 32.09 21.14 8.00
CA ALA B 61 32.25 21.56 6.62
C ALA B 61 31.22 22.64 6.25
N PHE B 62 30.00 22.51 6.76
CA PHE B 62 28.98 23.53 6.53
C PHE B 62 29.27 24.81 7.33
N LEU B 63 29.80 24.65 8.54
CA LEU B 63 30.15 25.82 9.34
C LEU B 63 31.26 26.63 8.69
N GLU B 64 32.26 25.93 8.13
CA GLU B 64 33.32 26.59 7.35
C GLU B 64 32.71 27.38 6.17
N ASP B 65 31.77 26.76 5.45
CA ASP B 65 31.03 27.48 4.39
C ASP B 65 30.29 28.71 4.92
N LEU B 66 29.54 28.49 6.00
CA LEU B 66 28.83 29.59 6.66
C LEU B 66 29.74 30.81 6.97
N GLU B 67 30.89 30.56 7.58
CA GLU B 67 31.83 31.65 7.86
C GLU B 67 32.19 32.39 6.57
N ALA B 68 32.48 31.63 5.50
CA ALA B 68 32.76 32.23 4.19
C ALA B 68 31.60 33.10 3.69
N LEU B 69 30.38 32.60 3.85
CA LEU B 69 29.18 33.29 3.39
C LEU B 69 28.93 34.58 4.18
N LEU B 70 29.10 34.47 5.50
CA LEU B 70 28.87 35.58 6.41
C LEU B 70 29.89 36.69 6.19
N ARG B 71 31.13 36.31 5.82
CA ARG B 71 32.18 37.29 5.49
C ARG B 71 31.72 38.26 4.40
N ALA B 72 30.92 37.76 3.45
CA ALA B 72 30.45 38.58 2.34
C ALA B 72 29.17 39.39 2.59
N PHE B 73 28.69 39.36 3.84
CA PHE B 73 27.60 40.24 4.29
C PHE B 73 27.91 40.93 5.62
N PRO B 74 28.95 41.80 5.66
CA PRO B 74 29.44 42.35 6.93
C PRO B 74 28.36 43.20 7.64
N LYS B 75 27.38 43.57 6.84
CA LYS B 75 26.26 44.43 7.17
C LYS B 75 25.25 43.63 8.02
N ALA B 76 25.26 42.32 7.79
CA ALA B 76 24.42 41.33 8.48
C ALA B 76 22.91 41.59 8.40
N PRO B 77 22.38 41.81 7.17
CA PRO B 77 20.92 41.88 7.08
C PRO B 77 20.39 40.45 7.24
N CYS B 78 19.06 40.30 7.24
CA CYS B 78 18.50 38.94 7.16
C CYS B 78 18.96 38.22 5.89
N LEU B 79 19.29 36.94 6.05
CA LEU B 79 19.77 36.11 4.95
C LEU B 79 18.91 34.85 4.82
N ARG B 80 18.65 34.46 3.58
CA ARG B 80 18.12 33.15 3.26
C ARG B 80 19.30 32.28 2.82
N LEU B 81 19.46 31.15 3.51
CA LEU B 81 20.56 30.24 3.22
C LEU B 81 20.02 28.88 2.78
N ARG B 82 20.83 28.18 1.98
CA ARG B 82 20.53 26.80 1.59
CA ARG B 82 20.53 26.82 1.56
C ARG B 82 21.79 25.96 1.72
N PHE B 83 21.62 24.78 2.32
CA PHE B 83 22.70 23.80 2.41
C PHE B 83 22.23 22.55 1.67
N THR B 84 23.03 22.08 0.71
CA THR B 84 22.65 20.97 -0.12
C THR B 84 23.72 19.91 -0.10
N VAL B 85 23.29 18.66 0.03
CA VAL B 85 24.21 17.52 0.00
C VAL B 85 23.84 16.55 -1.10
N GLY B 86 24.80 16.28 -1.97
CA GLY B 86 24.73 15.09 -2.83
C GLY B 86 26.03 14.33 -2.69
N GLU B 87 26.15 13.21 -3.41
CA GLU B 87 27.38 12.40 -3.42
C GLU B 87 28.51 13.22 -4.02
N GLY B 88 29.57 13.43 -3.25
CA GLY B 88 30.64 14.34 -3.68
C GLY B 88 30.20 15.78 -3.92
N VAL B 89 29.14 16.23 -3.25
CA VAL B 89 28.63 17.60 -3.48
C VAL B 89 28.20 18.24 -2.20
N ARG B 90 28.84 19.38 -1.87
CA ARG B 90 28.44 20.19 -0.76
C ARG B 90 28.20 21.57 -1.33
N LEU B 91 26.96 22.04 -1.22
CA LEU B 91 26.61 23.30 -1.81
C LEU B 91 26.07 24.16 -0.70
N SER B 92 26.63 25.36 -0.55
CA SER B 92 26.20 26.28 0.46
C SER B 92 26.02 27.65 -0.16
N GLU B 93 24.92 28.31 0.17
CA GLU B 93 24.66 29.62 -0.42
C GLU B 93 23.89 30.53 0.52
N ALA B 94 23.96 31.83 0.26
CA ALA B 94 23.27 32.82 1.05
C ALA B 94 22.88 33.94 0.11
N ARG B 95 21.75 34.57 0.41
CA ARG B 95 21.34 35.75 -0.33
C ARG B 95 20.41 36.52 0.58
N PRO B 96 20.19 37.82 0.28
CA PRO B 96 19.28 38.59 1.14
C PRO B 96 17.90 37.98 1.21
N TYR B 97 17.40 37.92 2.43
CA TYR B 97 16.05 37.45 2.71
C TYR B 97 15.04 38.44 2.12
N ALA B 98 13.96 37.94 1.54
CA ALA B 98 12.93 38.81 1.00
C ALA B 98 11.69 38.69 1.91
N PRO B 99 11.52 39.64 2.85
CA PRO B 99 10.39 39.44 3.77
C PRO B 99 9.06 39.59 3.08
N LEU B 100 8.06 38.82 3.52
CA LEU B 100 6.67 39.04 3.09
C LEU B 100 6.13 40.41 3.57
N PRO B 101 5.10 40.98 2.89
CA PRO B 101 4.58 42.21 3.55
C PRO B 101 4.14 41.92 4.99
N LEU B 102 4.50 42.83 5.89
CA LEU B 102 4.24 42.62 7.30
C LEU B 102 2.76 42.35 7.49
N SER B 103 1.93 42.99 6.65
CA SER B 103 0.47 42.87 6.76
C SER B 103 -0.05 41.45 6.62
N LEU B 104 0.72 40.58 5.98
CA LEU B 104 0.21 39.21 5.71
C LEU B 104 0.07 38.36 6.98
N TYR B 105 0.79 38.71 8.03
CA TYR B 105 0.75 37.97 9.27
C TYR B 105 -0.52 38.27 10.10
N ARG B 106 -1.23 39.34 9.74
CA ARG B 106 -2.52 39.64 10.36
C ARG B 106 -3.69 39.36 9.42
N GLU B 107 -3.46 39.54 8.12
CA GLU B 107 -4.46 39.29 7.09
C GLU B 107 -4.51 37.84 6.65
N GLY B 108 -3.35 37.18 6.67
CA GLY B 108 -3.28 35.81 6.17
C GLY B 108 -3.22 35.78 4.67
N VAL B 109 -2.93 34.60 4.13
CA VAL B 109 -2.75 34.40 2.72
C VAL B 109 -3.79 33.39 2.27
N ARG B 110 -3.84 33.12 0.96
CA ARG B 110 -4.69 32.05 0.44
C ARG B 110 -3.83 30.86 0.03
N VAL B 111 -4.46 29.68 0.04
CA VAL B 111 -3.81 28.43 -0.43
C VAL B 111 -4.66 27.87 -1.53
N ARG B 112 -4.06 27.02 -2.34
CA ARG B 112 -4.77 26.33 -3.39
C ARG B 112 -4.53 24.85 -3.15
N LEU B 113 -5.63 24.08 -3.10
CA LEU B 113 -5.53 22.65 -3.00
C LEU B 113 -5.28 22.06 -4.38
N THR B 114 -4.15 21.39 -4.56
CA THR B 114 -3.79 20.84 -5.85
C THR B 114 -4.04 19.32 -5.86
N GLY B 115 -4.05 18.72 -7.05
CA GLY B 115 -4.06 17.26 -7.23
C GLY B 115 -2.69 16.57 -7.28
N TYR B 116 -1.61 17.33 -7.14
CA TYR B 116 -0.26 16.75 -7.08
C TYR B 116 -0.03 15.89 -5.82
N ARG B 117 0.62 14.74 -5.99
CA ARG B 117 0.93 13.86 -4.88
C ARG B 117 2.38 14.01 -4.44
N VAL B 118 2.64 13.76 -3.15
CA VAL B 118 4.02 13.53 -2.65
C VAL B 118 4.52 12.13 -3.05
N HIS B 119 5.81 11.91 -2.95
CA HIS B 119 6.32 10.57 -3.20
C HIS B 119 6.19 9.68 -1.98
N PRO B 120 5.63 8.47 -2.15
CA PRO B 120 5.42 7.60 -1.01
C PRO B 120 6.66 7.41 -0.11
N ASP B 121 7.84 7.27 -0.70
CA ASP B 121 9.04 7.03 0.08
C ASP B 121 9.76 8.33 0.50
N LEU B 122 9.71 9.33 -0.36
CA LEU B 122 10.50 10.54 -0.17
C LEU B 122 9.78 11.72 0.50
N ALA B 123 8.47 11.61 0.67
CA ALA B 123 7.67 12.68 1.31
C ALA B 123 8.20 13.11 2.67
N ARG B 124 8.79 12.18 3.42
CA ARG B 124 9.36 12.48 4.75
C ARG B 124 10.77 13.11 4.70
N TYR B 125 11.34 13.26 3.52
CA TYR B 125 12.65 13.83 3.43
C TYR B 125 12.69 15.09 2.57
N LYS B 126 13.65 15.95 2.82
CA LYS B 126 13.74 17.20 2.07
C LYS B 126 14.77 16.98 0.97
N THR B 127 14.28 16.64 -0.23
CA THR B 127 15.17 16.17 -1.31
C THR B 127 15.07 16.94 -2.60
N GLY B 128 16.04 16.64 -3.47
CA GLY B 128 16.15 17.22 -4.78
C GLY B 128 15.08 16.75 -5.74
N ASN B 129 14.31 15.72 -5.38
CA ASN B 129 13.18 15.32 -6.20
C ASN B 129 11.98 16.18 -5.84
N TYR B 130 12.01 17.40 -6.35
CA TYR B 130 11.12 18.45 -5.89
C TYR B 130 10.07 18.85 -6.91
N LEU B 131 9.99 18.13 -8.02
CA LEU B 131 9.10 18.55 -9.10
C LEU B 131 7.59 18.68 -8.73
N PRO B 132 7.03 17.69 -7.99
CA PRO B 132 5.62 17.81 -7.56
C PRO B 132 5.34 19.08 -6.77
N TYR B 133 6.24 19.44 -5.84
CA TYR B 133 6.15 20.66 -5.07
C TYR B 133 6.16 21.91 -5.96
N ARG B 134 7.15 21.99 -6.84
CA ARG B 134 7.26 23.07 -7.85
C ARG B 134 5.95 23.24 -8.59
N LEU B 135 5.44 22.12 -9.08
CA LEU B 135 4.23 22.11 -9.88
C LEU B 135 3.02 22.58 -9.06
N ALA B 136 2.96 22.16 -7.80
CA ALA B 136 1.92 22.59 -6.91
C ALA B 136 1.98 24.10 -6.68
N LEU B 137 3.18 24.63 -6.47
CA LEU B 137 3.31 26.07 -6.22
C LEU B 137 2.92 26.90 -7.46
N GLU B 138 3.34 26.44 -8.64
CA GLU B 138 2.95 27.06 -9.92
C GLU B 138 1.41 27.17 -10.10
N GLU B 139 0.70 26.07 -9.84
CA GLU B 139 -0.76 26.06 -9.79
C GLU B 139 -1.33 27.09 -8.79
N ALA B 140 -0.80 27.09 -7.56
CA ALA B 140 -1.24 28.05 -6.54
C ALA B 140 -1.09 29.49 -7.06
N ARG B 141 0.10 29.79 -7.59
CA ARG B 141 0.44 31.14 -8.03
C ARG B 141 -0.42 31.67 -9.19
N LYS B 142 -0.91 30.77 -10.06
CA LYS B 142 -1.85 31.15 -11.13
C LYS B 142 -3.10 31.87 -10.62
N GLU B 143 -3.54 31.53 -9.41
CA GLU B 143 -4.69 32.19 -8.78
C GLU B 143 -4.31 33.08 -7.59
N GLY B 144 -3.07 33.54 -7.57
CA GLY B 144 -2.61 34.42 -6.51
C GLY B 144 -2.61 33.81 -5.12
N ALA B 145 -2.68 32.48 -5.04
CA ALA B 145 -2.47 31.79 -3.76
C ALA B 145 -0.97 31.77 -3.41
N PHE B 146 -0.68 31.97 -2.13
CA PHE B 146 0.70 31.94 -1.64
C PHE B 146 1.32 30.53 -1.71
N GLU B 147 0.50 29.50 -1.52
CA GLU B 147 1.02 28.17 -1.32
C GLU B 147 0.09 27.18 -1.98
N GLY B 148 0.69 26.11 -2.52
CA GLY B 148 -0.09 24.99 -3.03
C GLY B 148 0.04 23.78 -2.12
N LEU B 149 -1.06 23.06 -1.93
CA LEU B 149 -1.05 21.90 -1.04
C LEU B 149 -1.12 20.64 -1.85
N LEU B 150 -0.41 19.64 -1.34
CA LEU B 150 -0.26 18.37 -2.03
C LEU B 150 -0.92 17.24 -1.22
N LEU B 151 -1.23 16.15 -1.93
CA LEU B 151 -1.91 14.97 -1.38
C LEU B 151 -1.00 13.75 -1.25
N ASP B 152 -1.45 12.76 -0.48
CA ASP B 152 -0.90 11.41 -0.56
C ASP B 152 -1.74 10.53 -1.45
N ALA B 153 -1.39 9.24 -1.53
CA ALA B 153 -2.08 8.29 -2.40
C ALA B 153 -3.54 7.97 -2.03
N PHE B 154 -3.89 8.28 -0.78
CA PHE B 154 -5.25 8.13 -0.28
C PHE B 154 -6.12 9.39 -0.49
N GLY B 155 -5.47 10.52 -0.79
CA GLY B 155 -6.21 11.77 -1.00
C GLY B 155 -6.19 12.67 0.23
N HIS B 156 -5.42 12.26 1.24
CA HIS B 156 -5.14 13.12 2.38
C HIS B 156 -4.34 14.32 1.89
N VAL B 157 -4.49 15.45 2.59
CA VAL B 157 -3.72 16.67 2.35
C VAL B 157 -2.55 16.61 3.30
N VAL B 158 -1.35 16.48 2.75
CA VAL B 158 -0.20 16.13 3.59
C VAL B 158 0.93 17.16 3.64
N ASP B 159 0.90 18.18 2.77
CA ASP B 159 2.03 19.14 2.82
C ASP B 159 1.71 20.38 1.99
N GLY B 160 2.46 21.46 2.20
CA GLY B 160 2.52 22.60 1.27
C GLY B 160 3.78 22.46 0.41
N SER B 161 3.91 23.25 -0.67
CA SER B 161 5.08 23.13 -1.55
CA SER B 161 5.08 23.15 -1.56
C SER B 161 6.37 23.44 -0.81
N ARG B 162 6.31 24.37 0.15
CA ARG B 162 7.52 24.71 0.89
C ARG B 162 7.25 25.11 2.31
N THR B 163 6.03 24.84 2.80
CA THR B 163 5.64 25.13 4.17
C THR B 163 4.84 23.93 4.69
N SER B 164 4.80 23.80 6.01
CA SER B 164 4.08 22.70 6.65
C SER B 164 2.74 23.19 7.16
N PRO B 165 1.65 22.50 6.78
CA PRO B 165 0.37 22.99 7.25
C PRO B 165 0.01 22.56 8.69
N LEU B 166 -0.70 23.46 9.39
CA LEU B 166 -1.30 23.20 10.70
C LEU B 166 -2.77 23.57 10.65
N LEU B 167 -3.59 22.88 11.45
CA LEU B 167 -5.02 23.18 11.52
C LEU B 167 -5.42 23.43 12.97
N PHE B 168 -6.07 24.56 13.22
CA PHE B 168 -6.55 24.90 14.57
C PHE B 168 -8.07 24.86 14.60
N ARG B 169 -8.61 23.98 15.45
CA ARG B 169 -10.03 23.66 15.51
C ARG B 169 -10.42 23.28 16.94
N GLU B 170 -11.65 23.64 17.32
CA GLU B 170 -12.03 23.73 18.74
C GLU B 170 -10.93 24.57 19.36
N GLY B 171 -10.20 24.01 20.33
CA GLY B 171 -9.01 24.66 20.86
C GLY B 171 -7.76 23.79 20.73
N THR B 172 -7.72 23.02 19.65
CA THR B 172 -6.64 22.05 19.40
C THR B 172 -5.87 22.43 18.15
N LEU B 173 -4.54 22.48 18.28
CA LEU B 173 -3.65 22.67 17.15
C LEU B 173 -3.26 21.32 16.57
N TYR B 174 -3.69 21.05 15.33
CA TYR B 174 -3.35 19.80 14.61
C TYR B 174 -2.19 19.97 13.64
N LEU B 175 -1.30 18.98 13.66
CA LEU B 175 -0.23 18.91 12.69
C LEU B 175 -0.62 17.89 11.64
N LEU B 176 -0.70 18.32 10.37
CA LEU B 176 -1.16 17.42 9.31
C LEU B 176 -0.04 16.45 9.03
N GLU B 177 -0.37 15.16 9.03
CA GLU B 177 0.65 14.12 8.83
C GLU B 177 0.79 13.80 7.37
N GLY B 178 1.88 13.14 7.02
CA GLY B 178 2.01 12.53 5.71
C GLY B 178 3.07 13.19 4.83
N GLY B 179 3.71 14.23 5.37
CA GLY B 179 4.67 15.01 4.61
C GLY B 179 5.93 15.18 5.40
N LEU B 180 6.68 16.23 5.11
CA LEU B 180 7.91 16.51 5.81
C LEU B 180 7.58 16.95 7.24
N GLU B 181 8.33 16.45 8.22
CA GLU B 181 8.28 17.01 9.55
C GLU B 181 9.11 18.30 9.52
N GLY B 182 8.43 19.43 9.48
CA GLY B 182 9.14 20.69 9.36
C GLY B 182 9.78 21.03 10.68
N ILE B 183 10.90 21.74 10.64
CA ILE B 183 11.56 22.20 11.87
C ILE B 183 10.67 23.27 12.52
N THR B 184 10.19 24.21 11.68
CA THR B 184 9.36 25.31 12.17
C THR B 184 8.09 24.82 12.80
N ARG B 185 7.40 23.88 12.15
CA ARG B 185 6.16 23.35 12.72
C ARG B 185 6.37 22.66 14.09
N GLU B 186 7.48 21.93 14.26
CA GLU B 186 7.77 21.34 15.57
C GLU B 186 8.04 22.38 16.65
N LYS B 187 8.80 23.42 16.29
CA LYS B 187 9.01 24.56 17.16
C LYS B 187 7.68 25.22 17.52
N VAL B 188 6.79 25.38 16.55
CA VAL B 188 5.50 26.00 16.81
C VAL B 188 4.71 25.12 17.78
N ALA B 189 4.66 23.83 17.47
CA ALA B 189 3.96 22.86 18.31
C ALA B 189 4.43 22.95 19.77
N GLU B 190 5.75 22.99 19.98
CA GLU B 190 6.37 23.12 21.32
C GLU B 190 5.92 24.40 22.05
N ALA B 191 5.97 25.53 21.34
CA ALA B 191 5.53 26.79 21.90
C ALA B 191 4.03 26.74 22.19
N ALA B 192 3.25 26.10 21.33
CA ALA B 192 1.81 25.95 21.57
C ALA B 192 1.49 25.16 22.85
N ARG B 193 2.23 24.07 23.09
CA ARG B 193 2.05 23.32 24.35
C ARG B 193 2.38 24.20 25.54
N GLY B 194 3.44 25.00 25.43
CA GLY B 194 3.83 25.96 26.49
C GLY B 194 2.76 26.99 26.79
N LEU B 195 1.89 27.26 25.82
CA LEU B 195 0.78 28.20 25.99
C LEU B 195 -0.45 27.49 26.55
N GLY B 196 -0.31 26.19 26.79
CA GLY B 196 -1.39 25.38 27.37
C GLY B 196 -2.38 24.92 26.33
N LEU B 197 -1.99 25.00 25.05
CA LEU B 197 -2.83 24.50 23.98
C LEU B 197 -2.55 23.03 23.75
N ARG B 198 -3.57 22.30 23.37
CA ARG B 198 -3.36 20.91 22.99
C ARG B 198 -2.95 20.81 21.52
N VAL B 199 -2.02 19.89 21.29
CA VAL B 199 -1.44 19.64 20.00
C VAL B 199 -1.55 18.14 19.72
N GLU B 200 -2.03 17.82 18.53
CA GLU B 200 -2.12 16.44 18.06
C GLU B 200 -1.66 16.37 16.63
N ARG B 201 -1.12 15.22 16.22
CA ARG B 201 -0.92 14.89 14.79
C ARG B 201 -2.19 14.21 14.27
N GLY B 202 -2.59 14.52 13.04
CA GLY B 202 -3.69 13.81 12.40
C GLY B 202 -3.51 13.71 10.90
N LEU B 203 -4.02 12.64 10.30
CA LEU B 203 -4.03 12.46 8.85
C LEU B 203 -5.37 13.00 8.40
N PHE B 204 -5.37 14.06 7.58
CA PHE B 204 -6.59 14.78 7.22
C PHE B 204 -6.95 14.70 5.72
N ARG B 205 -8.25 14.61 5.44
CA ARG B 205 -8.74 14.76 4.07
C ARG B 205 -9.19 16.20 3.85
N PRO B 206 -9.36 16.62 2.57
CA PRO B 206 -9.78 18.01 2.32
C PRO B 206 -11.07 18.38 3.04
N GLU B 207 -12.02 17.44 3.13
CA GLU B 207 -13.31 17.64 3.81
C GLU B 207 -13.12 18.04 5.25
N GLY B 208 -12.07 17.52 5.88
CA GLY B 208 -11.94 17.63 7.30
C GLY B 208 -11.14 18.84 7.76
N LEU B 209 -10.79 19.72 6.81
CA LEU B 209 -10.00 20.89 7.15
C LEU B 209 -10.89 22.08 7.52
N ARG B 210 -11.78 21.86 8.48
CA ARG B 210 -12.64 22.91 9.03
C ARG B 210 -11.89 23.57 10.18
N GLY B 211 -11.81 24.89 10.17
CA GLY B 211 -11.12 25.62 11.23
C GLY B 211 -10.12 26.56 10.62
N HIS B 212 -9.12 26.96 11.38
CA HIS B 212 -8.10 27.87 10.86
C HIS B 212 -6.84 27.12 10.37
N LEU B 213 -6.54 27.25 9.10
CA LEU B 213 -5.27 26.74 8.53
C LEU B 213 -4.15 27.75 8.77
N LEU B 214 -2.95 27.24 9.03
CA LEU B 214 -1.74 28.06 9.09
C LEU B 214 -0.57 27.33 8.41
N LEU B 215 0.46 28.09 8.07
CA LEU B 215 1.62 27.52 7.39
C LEU B 215 2.88 27.85 8.14
N ALA B 216 3.73 26.85 8.35
CA ALA B 216 5.01 27.05 9.05
C ALA B 216 6.20 26.67 8.15
N GLY B 217 7.25 27.47 8.15
CA GLY B 217 8.41 27.20 7.28
C GLY B 217 9.57 28.08 7.70
N SER B 218 10.80 27.60 7.44
CA SER B 218 12.01 28.34 7.87
C SER B 218 12.04 29.73 7.27
N GLY B 219 11.48 29.89 6.09
CA GLY B 219 11.40 31.23 5.50
C GLY B 219 10.39 32.12 6.21
N VAL B 220 9.12 31.72 6.13
CA VAL B 220 8.01 32.56 6.61
C VAL B 220 7.73 32.65 8.11
N GLY B 221 8.25 31.71 8.91
CA GLY B 221 7.86 31.64 10.30
C GLY B 221 6.49 30.98 10.34
N LEU B 222 5.58 31.55 11.14
CA LEU B 222 4.19 31.07 11.20
C LEU B 222 3.26 32.03 10.48
N LEU B 223 2.64 31.53 9.42
CA LEU B 223 1.89 32.38 8.52
C LEU B 223 0.46 31.90 8.41
N PRO B 224 -0.52 32.76 8.78
CA PRO B 224 -1.90 32.24 8.76
C PRO B 224 -2.52 32.26 7.37
N VAL B 225 -3.46 31.34 7.16
CA VAL B 225 -4.22 31.28 5.94
C VAL B 225 -5.55 31.91 6.33
N ARG B 226 -5.95 33.00 5.67
CA ARG B 226 -7.04 33.88 6.19
C ARG B 226 -6.67 34.52 7.55
N PRO B 227 -7.48 35.49 8.03
CA PRO B 227 -7.12 36.04 9.32
C PRO B 227 -7.01 34.94 10.37
N PRO B 228 -6.03 35.08 11.29
CA PRO B 228 -5.74 34.01 12.23
C PRO B 228 -6.70 34.01 13.42
N PRO B 229 -6.74 32.89 14.17
CA PRO B 229 -7.62 32.89 15.31
C PRO B 229 -6.87 33.54 16.46
N PRO B 230 -7.61 34.18 17.40
CA PRO B 230 -6.95 34.93 18.44
C PRO B 230 -6.00 34.13 19.30
N GLU B 231 -6.29 32.85 19.50
CA GLU B 231 -5.46 32.07 20.43
C GLU B 231 -4.04 31.96 19.91
N LEU B 232 -3.90 32.08 18.59
CA LEU B 232 -2.60 31.85 17.94
C LEU B 232 -1.77 33.12 17.70
N LEU B 233 -2.35 34.28 17.95
CA LEU B 233 -1.60 35.55 17.85
C LEU B 233 -0.22 35.55 18.54
N PRO B 234 -0.13 35.07 19.81
CA PRO B 234 1.20 35.07 20.40
C PRO B 234 2.23 34.22 19.62
N LEU B 235 1.76 33.17 18.94
CA LEU B 235 2.66 32.25 18.23
C LEU B 235 3.12 32.89 16.93
N ILE B 236 2.20 33.52 16.22
CA ILE B 236 2.61 34.31 15.06
C ILE B 236 3.67 35.38 15.44
N GLU B 237 3.50 36.00 16.60
CA GLU B 237 4.42 37.04 17.05
C GLU B 237 5.78 36.48 17.47
N ARG B 238 5.76 35.36 18.18
CA ARG B 238 6.98 34.63 18.51
C ARG B 238 7.80 34.28 17.25
N PHE B 239 7.13 33.84 16.18
CA PHE B 239 7.84 33.31 15.01
C PHE B 239 7.97 34.26 13.81
N LEU B 240 7.45 35.48 13.94
CA LEU B 240 7.50 36.42 12.82
C LEU B 240 8.98 36.73 12.56
N PRO B 241 9.42 36.60 11.29
CA PRO B 241 10.82 36.90 10.97
C PRO B 241 11.21 38.31 11.44
N ALA B 242 12.31 38.41 12.17
CA ALA B 242 12.84 39.70 12.68
C ALA B 242 13.59 40.46 11.57
N CYS B 243 12.86 40.79 10.51
CA CYS B 243 13.49 41.30 9.28
C CYS B 243 12.81 42.55 8.72
N TYR B 244 12.22 43.36 9.61
CA TYR B 244 11.42 44.55 9.27
C TYR B 244 11.92 45.88 9.84
N THR B 245 12.74 45.81 10.90
CA THR B 245 13.29 47.02 11.53
C THR B 245 14.54 47.42 10.78
N ARG C 2 27.11 31.49 -3.90
CA ARG C 2 27.03 30.03 -3.80
C ARG C 2 28.43 29.46 -3.79
N LEU C 3 28.65 28.55 -2.84
CA LEU C 3 29.89 27.82 -2.68
C LEU C 3 29.67 26.36 -3.05
N LEU C 4 30.49 25.82 -3.94
CA LEU C 4 30.47 24.39 -4.24
C LEU C 4 31.73 23.75 -3.70
N ASN C 5 31.58 22.92 -2.67
CA ASN C 5 32.72 22.34 -2.01
C ASN C 5 33.72 23.43 -1.56
N GLY C 6 33.17 24.51 -0.99
CA GLY C 6 33.96 25.63 -0.45
C GLY C 6 34.40 26.67 -1.45
N THR C 7 34.17 26.42 -2.74
CA THR C 7 34.64 27.31 -3.78
C THR C 7 33.49 28.08 -4.42
N PRO C 8 33.58 29.42 -4.40
CA PRO C 8 32.54 30.20 -5.06
C PRO C 8 32.31 29.74 -6.49
N LEU C 9 31.05 29.70 -6.89
CA LEU C 9 30.63 29.07 -8.13
C LEU C 9 29.48 29.89 -8.73
N ALA C 10 29.65 30.29 -9.99
CA ALA C 10 28.56 30.86 -10.77
C ALA C 10 27.87 29.70 -11.46
N LEU C 11 26.61 29.48 -11.11
CA LEU C 11 25.84 28.37 -11.70
C LEU C 11 25.74 28.45 -13.23
N ALA C 12 26.18 27.40 -13.92
CA ALA C 12 26.02 27.31 -15.38
C ALA C 12 24.57 26.91 -15.72
N LEU C 13 23.93 26.23 -14.77
CA LEU C 13 22.58 25.73 -15.00
C LEU C 13 21.56 26.46 -14.11
N PRO C 14 20.29 26.53 -14.58
CA PRO C 14 19.34 27.18 -13.70
C PRO C 14 19.10 26.32 -12.48
N GLU C 15 18.83 26.99 -11.38
CA GLU C 15 18.51 26.35 -10.12
C GLU C 15 17.44 25.23 -10.19
N ALA C 16 16.34 25.45 -10.90
CA ALA C 16 15.28 24.43 -11.00
C ALA C 16 15.79 23.10 -11.55
N PHE C 17 16.65 23.18 -12.57
CA PHE C 17 17.18 21.99 -13.24
C PHE C 17 18.00 21.20 -12.23
N LEU C 18 18.80 21.95 -11.46
CA LEU C 18 19.80 21.40 -10.57
C LEU C 18 19.24 21.01 -9.22
N TYR C 19 18.51 21.91 -8.60
CA TYR C 19 18.08 21.66 -7.24
C TYR C 19 16.83 20.80 -7.14
N HIS C 20 16.03 20.79 -8.20
CA HIS C 20 14.68 20.25 -8.12
C HIS C 20 14.40 19.10 -9.08
N GLY C 21 15.43 18.68 -9.80
CA GLY C 21 15.32 17.56 -10.71
C GLY C 21 14.33 17.90 -11.83
N ALA C 22 14.21 19.19 -12.14
CA ALA C 22 13.20 19.70 -13.09
C ALA C 22 13.66 19.53 -14.54
N SER C 23 13.52 18.29 -15.05
CA SER C 23 13.95 17.91 -16.40
C SER C 23 13.24 16.64 -16.82
N VAL C 24 13.17 16.45 -18.14
CA VAL C 24 12.83 15.16 -18.74
C VAL C 24 14.04 14.73 -19.58
N PHE C 25 14.12 13.43 -19.81
CA PHE C 25 15.27 12.90 -20.50
C PHE C 25 14.92 11.66 -21.25
N THR C 26 15.81 11.27 -22.14
CA THR C 26 15.76 9.91 -22.65
C THR C 26 17.17 9.43 -22.90
N THR C 27 17.37 8.12 -22.85
CA THR C 27 18.67 7.53 -23.11
C THR C 27 18.57 6.57 -24.27
N LEU C 28 19.45 6.74 -25.25
CA LEU C 28 19.43 5.90 -26.44
C LEU C 28 20.73 5.13 -26.64
N ARG C 29 20.67 4.11 -27.49
CA ARG C 29 21.85 3.40 -27.91
C ARG C 29 22.14 3.74 -29.37
N ALA C 30 23.37 4.16 -29.67
CA ALA C 30 23.79 4.26 -31.08
C ALA C 30 24.67 3.07 -31.45
N GLU C 31 24.38 2.40 -32.54
CA GLU C 31 25.11 1.21 -32.95
C GLU C 31 25.86 1.48 -34.26
N GLY C 32 27.19 1.48 -34.18
CA GLY C 32 28.04 1.78 -35.34
C GLY C 32 27.67 3.11 -35.95
N GLY C 33 27.44 4.11 -35.09
CA GLY C 33 27.08 5.44 -35.55
C GLY C 33 25.64 5.73 -35.90
N ARG C 34 24.74 4.75 -35.74
CA ARG C 34 23.31 4.99 -35.96
C ARG C 34 22.48 4.77 -34.69
N PRO C 35 21.74 5.81 -34.26
CA PRO C 35 20.93 5.74 -33.03
C PRO C 35 19.77 4.80 -33.27
N LEU C 36 19.43 3.99 -32.28
CA LEU C 36 18.30 3.09 -32.44
C LEU C 36 17.03 3.81 -32.04
N TRP C 37 16.02 3.76 -32.90
CA TRP C 37 14.70 4.36 -32.62
C TRP C 37 14.74 5.84 -32.30
N LEU C 38 15.60 6.56 -33.00
CA LEU C 38 15.69 8.01 -32.79
C LEU C 38 14.34 8.72 -32.87
N GLU C 39 13.52 8.37 -33.86
CA GLU C 39 12.24 9.06 -34.03
C GLU C 39 11.37 8.85 -32.78
N GLU C 40 11.31 7.61 -32.29
CA GLU C 40 10.52 7.25 -31.11
C GLU C 40 11.00 8.03 -29.89
N HIS C 41 12.33 8.11 -29.72
CA HIS C 41 12.92 8.75 -28.55
C HIS C 41 12.65 10.23 -28.49
N LEU C 42 12.77 10.89 -29.65
CA LEU C 42 12.52 12.32 -29.73
C LEU C 42 11.03 12.66 -29.63
N ALA C 43 10.17 11.85 -30.21
CA ALA C 43 8.73 12.06 -30.04
C ALA C 43 8.33 11.93 -28.54
N ARG C 44 8.83 10.90 -27.84
CA ARG C 44 8.57 10.78 -26.39
C ARG C 44 9.16 11.93 -25.54
N LEU C 45 10.37 12.36 -25.86
CA LEU C 45 11.00 13.44 -25.13
C LEU C 45 10.13 14.70 -25.29
N ARG C 46 9.64 14.96 -26.50
CA ARG C 46 8.78 16.10 -26.74
C ARG C 46 7.51 15.96 -25.88
N ARG C 47 6.86 14.79 -25.96
CA ARG C 47 5.62 14.56 -25.20
C ARG C 47 5.84 14.82 -23.73
N HIS C 48 6.94 14.30 -23.19
CA HIS C 48 7.22 14.46 -21.77
C HIS C 48 7.51 15.90 -21.36
N ALA C 49 8.33 16.58 -22.14
CA ALA C 49 8.60 17.98 -21.88
C ALA C 49 7.29 18.81 -21.79
N LEU C 50 6.44 18.64 -22.80
CA LEU C 50 5.19 19.41 -22.88
C LEU C 50 4.26 19.07 -21.73
N ALA C 51 4.22 17.78 -21.37
CA ALA C 51 3.38 17.31 -20.27
C ALA C 51 3.77 18.00 -18.96
N LEU C 52 5.05 18.33 -18.81
CA LEU C 52 5.56 18.88 -17.57
C LEU C 52 5.85 20.38 -17.66
N GLY C 53 5.41 20.98 -18.77
CA GLY C 53 5.51 22.44 -18.98
C GLY C 53 6.90 22.94 -19.28
N LEU C 54 7.70 22.08 -19.90
CA LEU C 54 9.07 22.41 -20.28
C LEU C 54 9.08 22.65 -21.77
N SER C 55 9.72 23.72 -22.22
CA SER C 55 9.77 23.97 -23.66
C SER C 55 10.75 23.01 -24.30
N TYR C 56 10.38 22.47 -25.45
CA TYR C 56 11.18 21.51 -26.20
C TYR C 56 12.03 22.24 -27.24
N PRO C 57 13.33 21.90 -27.33
CA PRO C 57 14.21 22.74 -28.18
C PRO C 57 14.10 22.47 -29.67
N GLY C 58 13.34 21.43 -30.03
CA GLY C 58 13.13 21.02 -31.40
C GLY C 58 14.04 19.87 -31.75
N ASP C 59 13.57 18.98 -32.62
CA ASP C 59 14.36 17.84 -33.08
C ASP C 59 15.67 18.26 -33.73
N GLU C 60 15.63 19.29 -34.56
CA GLU C 60 16.82 19.71 -35.31
C GLU C 60 18.01 20.03 -34.38
N ALA C 61 17.76 20.64 -33.24
CA ALA C 61 18.81 20.92 -32.26
C ALA C 61 19.47 19.65 -31.70
N PHE C 62 18.64 18.62 -31.44
CA PHE C 62 19.21 17.37 -30.92
C PHE C 62 19.93 16.61 -32.00
N LEU C 63 19.43 16.72 -33.24
CA LEU C 63 20.08 16.12 -34.41
C LEU C 63 21.47 16.69 -34.60
N GLU C 64 21.58 17.99 -34.40
CA GLU C 64 22.86 18.66 -34.49
C GLU C 64 23.83 18.22 -33.38
N ASP C 65 23.34 18.15 -32.14
CA ASP C 65 24.09 17.59 -30.98
C ASP C 65 24.52 16.15 -31.22
N LEU C 66 23.61 15.37 -31.80
CA LEU C 66 23.86 13.96 -32.08
C LEU C 66 25.08 13.80 -33.00
N GLU C 67 25.11 14.59 -34.08
CA GLU C 67 26.22 14.51 -35.00
C GLU C 67 27.52 14.90 -34.36
N ALA C 68 27.47 15.94 -33.53
CA ALA C 68 28.61 16.41 -32.77
C ALA C 68 29.13 15.32 -31.84
N LEU C 69 28.21 14.59 -31.21
CA LEU C 69 28.61 13.49 -30.31
C LEU C 69 29.20 12.31 -31.08
N LEU C 70 28.59 11.98 -32.21
CA LEU C 70 29.09 10.97 -33.13
C LEU C 70 30.52 11.25 -33.65
N ARG C 71 30.77 12.50 -34.03
CA ARG C 71 32.09 12.96 -34.51
C ARG C 71 33.17 12.76 -33.45
N ALA C 72 32.82 12.99 -32.19
CA ALA C 72 33.70 12.81 -31.05
C ALA C 72 34.07 11.36 -30.74
N PHE C 73 33.28 10.38 -31.19
CA PHE C 73 33.55 8.96 -30.88
C PHE C 73 33.52 8.11 -32.13
N PRO C 74 34.39 8.42 -33.10
CA PRO C 74 34.34 7.83 -34.42
C PRO C 74 34.64 6.31 -34.44
N LYS C 75 35.42 5.84 -33.48
CA LYS C 75 35.77 4.43 -33.38
C LYS C 75 34.74 3.61 -32.58
N ALA C 76 34.08 4.23 -31.60
CA ALA C 76 33.29 3.45 -30.62
C ALA C 76 32.25 2.60 -31.34
N PRO C 77 32.23 1.28 -31.05
CA PRO C 77 31.26 0.40 -31.73
C PRO C 77 29.81 0.76 -31.38
N CYS C 78 29.58 1.15 -30.13
CA CYS C 78 28.27 1.62 -29.65
C CYS C 78 28.45 2.77 -28.69
N LEU C 79 27.47 3.66 -28.66
CA LEU C 79 27.48 4.78 -27.74
C LEU C 79 26.24 4.75 -26.87
N ARG C 80 26.36 5.19 -25.62
CA ARG C 80 25.20 5.55 -24.80
C ARG C 80 24.98 7.06 -24.90
N LEU C 81 23.82 7.44 -25.40
CA LEU C 81 23.45 8.85 -25.54
C LEU C 81 22.38 9.23 -24.52
N ARG C 82 22.47 10.44 -23.98
CA ARG C 82 21.42 11.02 -23.15
C ARG C 82 21.08 12.40 -23.69
N PHE C 83 19.80 12.59 -23.93
CA PHE C 83 19.25 13.89 -24.32
C PHE C 83 18.36 14.35 -23.17
N THR C 84 18.60 15.54 -22.66
CA THR C 84 17.93 16.00 -21.46
C THR C 84 17.39 17.40 -21.76
N VAL C 85 16.16 17.65 -21.32
CA VAL C 85 15.51 18.94 -21.50
C VAL C 85 15.10 19.51 -20.14
N GLY C 86 15.51 20.74 -19.84
CA GLY C 86 14.94 21.53 -18.76
C GLY C 86 14.72 22.93 -19.27
N GLU C 87 14.13 23.80 -18.45
CA GLU C 87 13.91 25.21 -18.85
C GLU C 87 15.23 25.96 -19.06
N GLY C 88 15.48 26.42 -20.27
CA GLY C 88 16.74 27.07 -20.63
C GLY C 88 17.92 26.10 -20.68
N VAL C 89 17.63 24.81 -20.79
CA VAL C 89 18.66 23.78 -20.83
C VAL C 89 18.36 22.72 -21.88
N ARG C 90 19.25 22.60 -22.87
CA ARG C 90 19.36 21.44 -23.71
C ARG C 90 20.67 20.80 -23.32
N LEU C 91 20.63 19.54 -22.91
CA LEU C 91 21.85 18.86 -22.51
C LEU C 91 21.93 17.55 -23.26
N SER C 92 23.01 17.38 -24.02
CA SER C 92 23.23 16.19 -24.83
C SER C 92 24.60 15.62 -24.47
N GLU C 93 24.64 14.33 -24.16
CA GLU C 93 25.91 13.69 -23.81
C GLU C 93 26.05 12.26 -24.34
N ALA C 94 27.32 11.82 -24.42
CA ALA C 94 27.64 10.51 -24.93
C ALA C 94 28.80 9.91 -24.16
N ARG C 95 28.77 8.59 -24.03
CA ARG C 95 29.92 7.85 -23.55
C ARG C 95 29.89 6.51 -24.23
N PRO C 96 31.04 5.85 -24.30
CA PRO C 96 31.00 4.58 -24.98
C PRO C 96 30.03 3.61 -24.26
N TYR C 97 29.29 2.84 -25.03
CA TYR C 97 28.35 1.85 -24.47
C TYR C 97 29.15 0.73 -23.84
N ALA C 98 28.74 0.28 -22.64
CA ALA C 98 29.40 -0.83 -21.96
C ALA C 98 28.49 -2.06 -22.06
N PRO C 99 28.77 -2.96 -23.04
CA PRO C 99 27.86 -4.08 -23.27
C PRO C 99 27.90 -5.06 -22.11
N LEU C 100 26.75 -5.69 -21.82
CA LEU C 100 26.72 -6.71 -20.79
C LEU C 100 27.51 -7.93 -21.24
N PRO C 101 28.03 -8.71 -20.29
CA PRO C 101 28.59 -10.02 -20.66
C PRO C 101 27.57 -10.77 -21.49
N LEU C 102 27.96 -11.22 -22.68
CA LEU C 102 27.05 -11.85 -23.62
C LEU C 102 26.26 -13.04 -23.03
N SER C 103 26.91 -13.81 -22.14
CA SER C 103 26.26 -14.95 -21.50
C SER C 103 24.97 -14.59 -20.73
N LEU C 104 24.82 -13.33 -20.29
CA LEU C 104 23.62 -12.92 -19.57
C LEU C 104 22.34 -13.08 -20.43
N TYR C 105 22.51 -13.01 -21.74
CA TYR C 105 21.40 -13.13 -22.65
C TYR C 105 20.97 -14.59 -22.84
N ARG C 106 21.81 -15.51 -22.36
CA ARG C 106 21.52 -16.93 -22.38
C ARG C 106 21.14 -17.46 -21.01
N GLU C 107 21.89 -17.04 -20.00
CA GLU C 107 21.74 -17.55 -18.65
C GLU C 107 20.73 -16.75 -17.86
N GLY C 108 20.49 -15.52 -18.30
CA GLY C 108 19.58 -14.63 -17.57
C GLY C 108 20.22 -13.95 -16.38
N VAL C 109 19.57 -12.87 -15.91
CA VAL C 109 20.04 -12.12 -14.73
C VAL C 109 19.10 -12.36 -13.56
N ARG C 110 19.46 -11.86 -12.38
CA ARG C 110 18.55 -11.80 -11.23
C ARG C 110 17.93 -10.38 -11.04
N VAL C 111 16.70 -10.38 -10.55
CA VAL C 111 16.01 -9.15 -10.10
C VAL C 111 15.72 -9.18 -8.59
N ARG C 112 15.69 -8.00 -8.00
CA ARG C 112 15.29 -7.83 -6.61
C ARG C 112 14.02 -7.00 -6.62
N LEU C 113 12.97 -7.56 -6.04
CA LEU C 113 11.75 -6.82 -5.80
C LEU C 113 12.03 -5.90 -4.60
N THR C 114 11.90 -4.57 -4.79
CA THR C 114 12.19 -3.60 -3.72
C THR C 114 10.88 -2.99 -3.20
N GLY C 115 10.95 -2.23 -2.12
CA GLY C 115 9.76 -1.57 -1.59
C GLY C 115 9.66 -0.13 -2.05
N TYR C 116 10.57 0.32 -2.92
CA TYR C 116 10.47 1.69 -3.49
C TYR C 116 9.31 1.89 -4.44
N ARG C 117 8.70 3.08 -4.40
CA ARG C 117 7.51 3.35 -5.19
C ARG C 117 7.84 4.34 -6.30
N VAL C 118 7.18 4.18 -7.43
CA VAL C 118 7.14 5.23 -8.41
C VAL C 118 6.24 6.37 -7.91
N HIS C 119 6.41 7.56 -8.47
CA HIS C 119 5.51 8.68 -8.13
C HIS C 119 4.10 8.65 -8.81
N PRO C 120 3.02 8.95 -8.06
CA PRO C 120 1.66 8.89 -8.63
C PRO C 120 1.48 9.75 -9.91
N ASP C 121 2.07 10.93 -9.94
CA ASP C 121 1.92 11.84 -11.12
C ASP C 121 3.03 11.70 -12.16
N LEU C 122 4.21 11.27 -11.73
CA LEU C 122 5.38 11.32 -12.64
C LEU C 122 5.84 9.97 -13.15
N ALA C 123 5.19 8.90 -12.73
CA ALA C 123 5.61 7.53 -13.13
C ALA C 123 5.60 7.29 -14.63
N ARG C 124 4.68 7.95 -15.34
CA ARG C 124 4.50 7.81 -16.77
C ARG C 124 5.54 8.65 -17.59
N TYR C 125 6.29 9.52 -16.91
CA TYR C 125 7.25 10.39 -17.58
C TYR C 125 8.70 10.09 -17.18
N LYS C 126 9.61 10.32 -18.11
CA LYS C 126 11.02 10.02 -17.87
C LYS C 126 11.62 11.33 -17.40
N THR C 127 11.65 11.54 -16.08
CA THR C 127 12.03 12.81 -15.47
C THR C 127 13.28 12.74 -14.63
N GLY C 128 13.81 13.93 -14.31
CA GLY C 128 14.97 14.08 -13.41
C GLY C 128 14.61 13.86 -11.96
N ASN C 129 13.32 13.63 -11.65
CA ASN C 129 13.01 13.11 -10.29
C ASN C 129 13.20 11.58 -10.22
N TYR C 130 14.46 11.18 -10.16
CA TYR C 130 14.80 9.78 -10.42
C TYR C 130 15.35 9.02 -9.21
N LEU C 131 15.30 9.65 -8.03
CA LEU C 131 15.87 9.07 -6.81
C LEU C 131 15.29 7.69 -6.42
N PRO C 132 13.95 7.49 -6.54
CA PRO C 132 13.41 6.17 -6.15
C PRO C 132 13.99 5.01 -7.02
N TYR C 133 14.26 5.30 -8.28
CA TYR C 133 14.80 4.33 -9.24
C TYR C 133 16.25 4.01 -8.86
N ARG C 134 17.03 5.05 -8.57
CA ARG C 134 18.42 4.85 -8.16
CA ARG C 134 18.43 4.94 -8.10
C ARG C 134 18.52 4.05 -6.87
N LEU C 135 17.64 4.37 -5.91
CA LEU C 135 17.55 3.69 -4.65
C LEU C 135 17.19 2.22 -4.83
N ALA C 136 16.20 1.95 -5.70
CA ALA C 136 15.89 0.56 -6.06
C ALA C 136 17.08 -0.20 -6.68
N LEU C 137 17.82 0.46 -7.58
CA LEU C 137 18.94 -0.23 -8.20
C LEU C 137 20.03 -0.47 -7.16
N GLU C 138 20.22 0.52 -6.28
CA GLU C 138 21.16 0.40 -5.17
C GLU C 138 20.89 -0.84 -4.34
N GLU C 139 19.63 -1.01 -3.92
CA GLU C 139 19.21 -2.15 -3.12
C GLU C 139 19.43 -3.44 -3.88
N ALA C 140 19.11 -3.44 -5.17
CA ALA C 140 19.25 -4.63 -5.99
C ALA C 140 20.72 -5.06 -6.05
N ARG C 141 21.58 -4.11 -6.37
CA ARG C 141 23.03 -4.35 -6.42
C ARG C 141 23.62 -4.80 -5.07
N LYS C 142 23.16 -4.20 -3.97
CA LYS C 142 23.54 -4.65 -2.61
C LYS C 142 23.15 -6.09 -2.35
N GLU C 143 22.12 -6.57 -3.02
CA GLU C 143 21.63 -7.93 -2.83
C GLU C 143 22.12 -8.88 -3.92
N GLY C 144 23.04 -8.39 -4.75
CA GLY C 144 23.63 -9.20 -5.83
C GLY C 144 22.78 -9.38 -7.08
N ALA C 145 21.75 -8.54 -7.23
CA ALA C 145 20.88 -8.59 -8.40
C ALA C 145 21.23 -7.50 -9.41
N PHE C 146 20.83 -7.73 -10.64
CA PHE C 146 21.11 -6.84 -11.75
C PHE C 146 20.19 -5.59 -11.79
N GLU C 147 18.91 -5.80 -11.47
CA GLU C 147 17.86 -4.76 -11.55
C GLU C 147 16.98 -4.79 -10.33
N GLY C 148 16.53 -3.61 -9.90
CA GLY C 148 15.54 -3.49 -8.85
C GLY C 148 14.19 -3.15 -9.45
N LEU C 149 13.14 -3.73 -8.88
CA LEU C 149 11.79 -3.46 -9.33
C LEU C 149 11.06 -2.57 -8.31
N LEU C 150 10.24 -1.66 -8.83
CA LEU C 150 9.50 -0.68 -8.01
C LEU C 150 7.99 -0.95 -8.07
N LEU C 151 7.29 -0.48 -7.04
CA LEU C 151 5.83 -0.63 -6.90
C LEU C 151 5.15 0.68 -7.24
N ASP C 152 3.83 0.61 -7.40
CA ASP C 152 3.04 1.80 -7.37
C ASP C 152 2.45 1.90 -5.94
N ALA C 153 1.80 3.01 -5.72
CA ALA C 153 1.19 3.32 -4.43
C ALA C 153 0.20 2.24 -4.02
N PHE C 154 -0.35 1.54 -5.01
CA PHE C 154 -1.34 0.48 -4.76
C PHE C 154 -0.73 -0.91 -4.48
N GLY C 155 0.58 -1.06 -4.61
CA GLY C 155 1.22 -2.36 -4.37
C GLY C 155 1.48 -3.20 -5.64
N HIS C 156 1.14 -2.69 -6.82
CA HIS C 156 1.54 -3.41 -8.05
C HIS C 156 3.03 -3.23 -8.32
N VAL C 157 3.68 -4.23 -8.93
CA VAL C 157 5.07 -4.15 -9.41
C VAL C 157 4.96 -3.51 -10.80
N VAL C 158 5.53 -2.33 -10.97
CA VAL C 158 5.22 -1.56 -12.19
C VAL C 158 6.43 -1.15 -12.99
N ASP C 159 7.64 -1.29 -12.46
CA ASP C 159 8.78 -0.82 -13.24
C ASP C 159 10.08 -1.38 -12.68
N GLY C 160 11.13 -1.32 -13.51
CA GLY C 160 12.50 -1.55 -13.03
C GLY C 160 13.19 -0.21 -13.04
N SER C 161 14.35 -0.12 -12.39
CA SER C 161 14.99 1.17 -12.22
C SER C 161 15.39 1.80 -13.57
N ARG C 162 15.72 0.97 -14.56
CA ARG C 162 16.09 1.48 -15.90
C ARG C 162 15.65 0.56 -17.05
N THR C 163 14.78 -0.40 -16.75
CA THR C 163 14.25 -1.31 -17.74
C THR C 163 12.77 -1.53 -17.46
N SER C 164 12.03 -2.01 -18.45
CA SER C 164 10.61 -2.26 -18.31
C SER C 164 10.39 -3.76 -18.13
N PRO C 165 9.69 -4.17 -17.06
CA PRO C 165 9.56 -5.63 -16.92
C PRO C 165 8.43 -6.23 -17.76
N LEU C 166 8.67 -7.45 -18.26
CA LEU C 166 7.66 -8.22 -19.02
C LEU C 166 7.59 -9.61 -18.40
N LEU C 167 6.40 -10.22 -18.49
CA LEU C 167 6.14 -11.54 -17.94
C LEU C 167 5.54 -12.48 -18.99
N PHE C 168 6.19 -13.62 -19.19
CA PHE C 168 5.72 -14.54 -20.18
C PHE C 168 5.16 -15.74 -19.49
N ARG C 169 3.92 -16.05 -19.81
CA ARG C 169 3.35 -17.30 -19.35
C ARG C 169 2.42 -17.97 -20.33
N GLU C 170 2.51 -19.30 -20.34
CA GLU C 170 1.51 -20.18 -20.90
C GLU C 170 1.62 -20.12 -22.39
N GLY C 171 1.47 -18.92 -22.94
CA GLY C 171 1.87 -18.56 -24.31
C GLY C 171 1.55 -17.09 -24.54
N THR C 172 1.43 -16.32 -23.45
CA THR C 172 1.21 -14.90 -23.60
C THR C 172 2.24 -14.04 -22.87
N LEU C 173 2.57 -12.94 -23.51
CA LEU C 173 3.52 -11.99 -22.99
C LEU C 173 2.70 -10.88 -22.34
N TYR C 174 2.93 -10.66 -21.06
CA TYR C 174 2.26 -9.59 -20.34
C TYR C 174 3.19 -8.41 -20.15
N LEU C 175 2.71 -7.22 -20.50
CA LEU C 175 3.37 -5.95 -20.20
C LEU C 175 2.80 -5.39 -18.90
N LEU C 176 3.67 -5.24 -17.91
CA LEU C 176 3.28 -4.64 -16.63
C LEU C 176 2.94 -3.15 -16.73
N GLU C 177 1.71 -2.79 -16.38
CA GLU C 177 1.27 -1.41 -16.39
C GLU C 177 1.70 -0.70 -15.12
N GLY C 178 1.59 0.63 -15.10
CA GLY C 178 1.83 1.43 -13.90
C GLY C 178 3.11 2.24 -13.90
N GLY C 179 4.03 1.95 -14.83
CA GLY C 179 5.31 2.66 -14.89
C GLY C 179 5.50 3.42 -16.18
N LEU C 180 6.75 3.55 -16.61
CA LEU C 180 7.05 4.28 -17.82
C LEU C 180 6.57 3.46 -19.03
N GLU C 181 5.96 4.08 -20.02
CA GLU C 181 5.87 3.38 -21.29
C GLU C 181 7.16 3.44 -22.09
N GLY C 182 7.94 2.39 -21.90
CA GLY C 182 9.21 2.27 -22.51
C GLY C 182 9.07 2.04 -23.99
N ILE C 183 10.06 2.53 -24.73
CA ILE C 183 10.10 2.34 -26.16
C ILE C 183 10.46 0.87 -26.48
N THR C 184 11.45 0.33 -25.77
CA THR C 184 11.90 -1.04 -26.05
C THR C 184 10.78 -2.06 -25.80
N ARG C 185 10.10 -1.93 -24.66
CA ARG C 185 8.97 -2.78 -24.38
C ARG C 185 7.89 -2.80 -25.50
N GLU C 186 7.52 -1.63 -26.02
CA GLU C 186 6.54 -1.55 -27.12
C GLU C 186 7.02 -2.28 -28.37
N LYS C 187 8.29 -2.12 -28.65
CA LYS C 187 8.92 -2.81 -29.79
C LYS C 187 8.92 -4.32 -29.62
N VAL C 188 9.26 -4.78 -28.42
CA VAL C 188 9.22 -6.22 -28.10
C VAL C 188 7.80 -6.78 -28.24
N ALA C 189 6.81 -6.04 -27.71
CA ALA C 189 5.40 -6.43 -27.83
C ALA C 189 4.99 -6.63 -29.29
N GLU C 190 5.35 -5.66 -30.13
CA GLU C 190 5.00 -5.70 -31.56
CA GLU C 190 5.02 -5.70 -31.57
C GLU C 190 5.64 -6.92 -32.24
N ALA C 191 6.92 -7.15 -31.94
CA ALA C 191 7.65 -8.29 -32.45
C ALA C 191 7.07 -9.61 -31.96
N ALA C 192 6.65 -9.64 -30.69
CA ALA C 192 6.07 -10.88 -30.10
C ALA C 192 4.79 -11.26 -30.83
N ARG C 193 3.91 -10.29 -31.02
CA ARG C 193 2.66 -10.52 -31.76
C ARG C 193 2.94 -11.04 -33.18
N GLY C 194 3.96 -10.48 -33.83
CA GLY C 194 4.39 -10.93 -35.16
C GLY C 194 4.90 -12.36 -35.21
N LEU C 195 5.44 -12.85 -34.10
CA LEU C 195 5.86 -14.23 -33.92
C LEU C 195 4.71 -15.14 -33.53
N GLY C 196 3.50 -14.59 -33.42
CA GLY C 196 2.31 -15.39 -33.16
C GLY C 196 1.91 -15.47 -31.70
N LEU C 197 2.60 -14.70 -30.85
CA LEU C 197 2.33 -14.70 -29.43
C LEU C 197 1.23 -13.71 -29.11
N ARG C 198 0.38 -14.09 -28.19
CA ARG C 198 -0.59 -13.20 -27.59
C ARG C 198 0.13 -12.20 -26.65
N VAL C 199 -0.32 -10.95 -26.66
CA VAL C 199 0.22 -9.87 -25.82
C VAL C 199 -0.93 -9.21 -25.04
N GLU C 200 -0.76 -9.09 -23.73
CA GLU C 200 -1.75 -8.47 -22.85
C GLU C 200 -1.10 -7.49 -21.89
N ARG C 201 -1.84 -6.47 -21.47
CA ARG C 201 -1.32 -5.50 -20.52
C ARG C 201 -2.16 -5.59 -19.26
N GLY C 202 -1.51 -5.50 -18.10
CA GLY C 202 -2.22 -5.55 -16.82
C GLY C 202 -1.38 -5.04 -15.66
N LEU C 203 -2.04 -4.78 -14.53
CA LEU C 203 -1.36 -4.43 -13.31
C LEU C 203 -1.12 -5.72 -12.59
N PHE C 204 0.10 -5.93 -12.13
CA PHE C 204 0.40 -7.19 -11.49
C PHE C 204 0.88 -6.92 -10.09
N ARG C 205 0.41 -7.72 -9.14
CA ARG C 205 1.02 -7.76 -7.81
C ARG C 205 2.25 -8.68 -7.80
N PRO C 206 3.18 -8.47 -6.86
CA PRO C 206 4.36 -9.32 -6.81
C PRO C 206 3.95 -10.78 -6.82
N GLU C 207 3.00 -11.12 -5.96
CA GLU C 207 2.40 -12.46 -5.85
C GLU C 207 1.93 -13.02 -7.20
N GLY C 208 1.53 -12.14 -8.10
CA GLY C 208 1.01 -12.57 -9.39
C GLY C 208 2.03 -12.77 -10.49
N LEU C 209 3.31 -12.75 -10.12
CA LEU C 209 4.39 -12.82 -11.12
C LEU C 209 4.77 -14.25 -11.39
N ARG C 210 3.80 -14.98 -11.93
CA ARG C 210 3.97 -16.38 -12.29
C ARG C 210 4.42 -16.47 -13.72
N GLY C 211 5.57 -17.09 -13.96
CA GLY C 211 6.07 -17.28 -15.31
C GLY C 211 7.46 -16.70 -15.45
N HIS C 212 7.89 -16.46 -16.68
CA HIS C 212 9.22 -15.92 -16.94
C HIS C 212 9.22 -14.40 -17.02
N LEU C 213 10.06 -13.76 -16.20
CA LEU C 213 10.29 -12.33 -16.33
C LEU C 213 11.39 -12.04 -17.34
N LEU C 214 11.26 -10.90 -18.01
CA LEU C 214 12.31 -10.37 -18.88
C LEU C 214 12.34 -8.86 -18.63
N LEU C 215 13.45 -8.25 -19.01
CA LEU C 215 13.63 -6.82 -18.86
C LEU C 215 13.92 -6.20 -20.20
N ALA C 216 13.28 -5.10 -20.52
CA ALA C 216 13.51 -4.42 -21.79
C ALA C 216 13.87 -2.96 -21.57
N GLY C 217 14.88 -2.50 -22.29
CA GLY C 217 15.22 -1.08 -22.32
C GLY C 217 16.31 -0.77 -23.34
N SER C 218 16.49 0.52 -23.63
CA SER C 218 17.54 1.00 -24.53
C SER C 218 18.95 0.65 -24.06
N GLY C 219 19.14 0.49 -22.76
CA GLY C 219 20.46 0.14 -22.22
C GLY C 219 20.85 -1.34 -22.35
N VAL C 220 19.89 -2.21 -22.64
CA VAL C 220 20.10 -3.68 -22.59
C VAL C 220 19.44 -4.49 -23.73
N GLY C 221 18.51 -3.88 -24.46
CA GLY C 221 17.68 -4.64 -25.39
C GLY C 221 16.65 -5.48 -24.66
N LEU C 222 16.66 -6.79 -24.92
CA LEU C 222 15.77 -7.71 -24.19
C LEU C 222 16.58 -8.71 -23.43
N LEU C 223 16.51 -8.61 -22.11
CA LEU C 223 17.38 -9.36 -21.21
C LEU C 223 16.52 -10.27 -20.35
N PRO C 224 16.74 -11.59 -20.41
CA PRO C 224 15.94 -12.50 -19.57
C PRO C 224 16.34 -12.50 -18.08
N VAL C 225 15.36 -12.75 -17.22
CA VAL C 225 15.58 -12.94 -15.80
C VAL C 225 15.58 -14.45 -15.65
N ARG C 226 16.71 -15.01 -15.22
CA ARG C 226 16.96 -16.47 -15.25
C ARG C 226 16.87 -16.97 -16.70
N PRO C 227 17.16 -18.26 -16.95
CA PRO C 227 17.12 -18.68 -18.35
C PRO C 227 15.76 -18.41 -19.01
N PRO C 228 15.78 -17.95 -20.27
CA PRO C 228 14.54 -17.59 -20.97
C PRO C 228 13.63 -18.78 -21.32
N PRO C 229 12.35 -18.51 -21.61
CA PRO C 229 11.50 -19.51 -22.19
C PRO C 229 11.86 -19.62 -23.70
N PRO C 230 11.76 -20.84 -24.27
CA PRO C 230 12.10 -21.08 -25.69
C PRO C 230 11.42 -20.14 -26.66
N GLU C 231 10.17 -19.78 -26.34
CA GLU C 231 9.32 -19.01 -27.24
C GLU C 231 9.88 -17.65 -27.54
N LEU C 232 10.72 -17.18 -26.63
CA LEU C 232 11.18 -15.82 -26.68
C LEU C 232 12.59 -15.69 -27.20
N LEU C 233 13.22 -16.84 -27.48
CA LEU C 233 14.59 -16.88 -28.05
C LEU C 233 14.76 -15.97 -29.29
N PRO C 234 13.84 -16.06 -30.29
CA PRO C 234 13.97 -15.17 -31.46
C PRO C 234 13.94 -13.67 -31.12
N LEU C 235 13.20 -13.30 -30.08
CA LEU C 235 13.07 -11.89 -29.64
C LEU C 235 14.33 -11.41 -28.95
N ILE C 236 14.92 -12.28 -28.12
CA ILE C 236 16.24 -11.99 -27.55
C ILE C 236 17.27 -11.73 -28.66
N GLU C 237 17.31 -12.59 -29.68
CA GLU C 237 18.18 -12.36 -30.85
C GLU C 237 17.91 -11.03 -31.55
N ARG C 238 16.63 -10.77 -31.80
CA ARG C 238 16.23 -9.57 -32.53
C ARG C 238 16.67 -8.28 -31.82
N PHE C 239 16.56 -8.29 -30.49
CA PHE C 239 16.79 -7.08 -29.71
C PHE C 239 18.18 -7.00 -29.09
N LEU C 240 18.99 -8.03 -29.33
CA LEU C 240 20.35 -8.04 -28.78
C LEU C 240 21.13 -6.80 -29.26
N PRO C 241 21.77 -6.10 -28.33
CA PRO C 241 22.59 -4.95 -28.71
C PRO C 241 23.63 -5.42 -29.73
N ALA C 242 23.79 -4.70 -30.84
CA ALA C 242 24.77 -5.04 -31.88
C ALA C 242 26.09 -4.37 -31.55
N CYS C 243 26.71 -4.81 -30.46
CA CYS C 243 27.75 -4.01 -29.79
C CYS C 243 28.97 -4.83 -29.36
N TYR C 244 29.11 -6.01 -29.94
CA TYR C 244 30.17 -6.94 -29.60
C TYR C 244 31.27 -7.04 -30.66
N THR C 245 31.07 -6.37 -31.79
CA THR C 245 31.98 -6.51 -32.94
C THR C 245 33.29 -5.74 -32.78
N ARG D 2 -21.93 -34.06 1.33
CA ARG D 2 -20.64 -33.51 1.74
C ARG D 2 -19.68 -34.60 2.15
N LEU D 3 -18.44 -34.51 1.69
CA LEU D 3 -17.38 -35.44 2.06
C LEU D 3 -16.24 -34.73 2.79
N LEU D 4 -15.88 -35.27 3.95
CA LEU D 4 -14.73 -34.81 4.70
C LEU D 4 -13.60 -35.83 4.60
N ASN D 5 -12.52 -35.44 3.95
CA ASN D 5 -11.38 -36.32 3.70
C ASN D 5 -11.78 -37.65 3.07
N GLY D 6 -12.76 -37.58 2.15
CA GLY D 6 -13.19 -38.72 1.37
C GLY D 6 -14.37 -39.45 1.96
N THR D 7 -14.71 -39.11 3.20
CA THR D 7 -15.75 -39.84 3.90
C THR D 7 -16.96 -38.91 4.16
N PRO D 8 -18.19 -39.38 3.86
CA PRO D 8 -19.39 -38.55 4.02
C PRO D 8 -19.50 -37.88 5.39
N LEU D 9 -20.07 -36.67 5.38
CA LEU D 9 -20.11 -35.86 6.58
C LEU D 9 -21.49 -35.27 6.78
N ALA D 10 -22.06 -35.54 7.95
CA ALA D 10 -23.27 -34.90 8.43
C ALA D 10 -22.86 -33.66 9.24
N LEU D 11 -22.92 -32.52 8.57
CA LEU D 11 -22.40 -31.27 9.11
C LEU D 11 -23.20 -30.73 10.31
N ALA D 12 -22.52 -30.59 11.45
CA ALA D 12 -23.16 -30.17 12.71
C ALA D 12 -23.55 -28.69 12.80
N LEU D 13 -22.76 -27.83 12.16
CA LEU D 13 -22.96 -26.40 12.28
C LEU D 13 -23.37 -25.87 10.92
N PRO D 14 -24.06 -24.71 10.88
CA PRO D 14 -24.46 -24.12 9.59
C PRO D 14 -23.26 -23.79 8.70
N GLU D 15 -23.52 -23.89 7.40
CA GLU D 15 -22.57 -23.68 6.29
C GLU D 15 -21.78 -22.37 6.43
N ALA D 16 -22.51 -21.27 6.56
CA ALA D 16 -21.92 -19.93 6.55
C ALA D 16 -20.96 -19.76 7.70
N PHE D 17 -21.31 -20.35 8.84
CA PHE D 17 -20.50 -20.29 10.04
C PHE D 17 -19.09 -20.84 9.77
N LEU D 18 -19.04 -21.99 9.09
CA LEU D 18 -17.81 -22.73 8.81
C LEU D 18 -17.12 -22.16 7.60
N TYR D 19 -17.88 -21.91 6.54
CA TYR D 19 -17.29 -21.56 5.25
C TYR D 19 -16.90 -20.09 5.12
N HIS D 20 -17.52 -19.23 5.91
CA HIS D 20 -17.35 -17.80 5.72
C HIS D 20 -16.82 -17.08 6.93
N GLY D 21 -16.46 -17.85 7.95
CA GLY D 21 -16.07 -17.29 9.25
C GLY D 21 -17.16 -16.35 9.77
N ALA D 22 -18.43 -16.68 9.51
CA ALA D 22 -19.50 -15.72 9.83
C ALA D 22 -19.95 -15.85 11.28
N SER D 23 -19.15 -15.31 12.19
CA SER D 23 -19.39 -15.43 13.63
C SER D 23 -18.74 -14.28 14.35
N VAL D 24 -19.24 -14.02 15.56
CA VAL D 24 -18.55 -13.15 16.52
C VAL D 24 -18.35 -13.95 17.76
N PHE D 25 -17.38 -13.55 18.58
CA PHE D 25 -17.04 -14.35 19.73
C PHE D 25 -16.42 -13.48 20.79
N THR D 26 -16.25 -14.04 21.98
CA THR D 26 -15.47 -13.42 23.01
C THR D 26 -14.81 -14.49 23.87
N THR D 27 -13.67 -14.18 24.46
CA THR D 27 -12.97 -15.15 25.28
C THR D 27 -12.71 -14.55 26.66
N LEU D 28 -13.05 -15.30 27.70
CA LEU D 28 -13.01 -14.84 29.08
C LEU D 28 -12.08 -15.70 29.89
N ARG D 29 -11.63 -15.15 31.02
CA ARG D 29 -10.91 -15.93 32.02
C ARG D 29 -11.78 -16.06 33.25
N ALA D 30 -11.84 -17.26 33.85
CA ALA D 30 -12.51 -17.44 35.14
C ALA D 30 -11.44 -17.77 36.15
N GLU D 31 -11.50 -17.14 37.32
CA GLU D 31 -10.54 -17.43 38.37
C GLU D 31 -11.30 -17.99 39.55
N GLY D 32 -10.87 -19.17 39.99
CA GLY D 32 -11.54 -19.92 41.08
C GLY D 32 -13.06 -19.91 40.95
N GLY D 33 -13.54 -20.30 39.76
CA GLY D 33 -14.97 -20.41 39.44
C GLY D 33 -15.73 -19.12 39.06
N ARG D 34 -15.06 -17.99 39.11
CA ARG D 34 -15.72 -16.71 38.92
C ARG D 34 -15.25 -16.09 37.59
N PRO D 35 -16.20 -15.88 36.67
CA PRO D 35 -15.84 -15.25 35.39
C PRO D 35 -15.54 -13.75 35.52
N LEU D 36 -14.44 -13.32 34.91
CA LEU D 36 -14.00 -11.94 34.99
C LEU D 36 -14.70 -11.09 33.95
N TRP D 37 -15.25 -9.97 34.40
CA TRP D 37 -15.88 -9.00 33.53
C TRP D 37 -16.95 -9.60 32.64
N LEU D 38 -17.73 -10.51 33.21
CA LEU D 38 -18.79 -11.21 32.46
C LEU D 38 -19.78 -10.25 31.82
N GLU D 39 -20.18 -9.22 32.58
CA GLU D 39 -21.07 -8.18 32.07
C GLU D 39 -20.52 -7.52 30.82
N GLU D 40 -19.26 -7.11 30.86
CA GLU D 40 -18.62 -6.45 29.73
C GLU D 40 -18.51 -7.36 28.50
N HIS D 41 -18.22 -8.66 28.73
CA HIS D 41 -18.08 -9.60 27.61
C HIS D 41 -19.43 -9.85 26.96
N LEU D 42 -20.48 -9.97 27.77
CA LEU D 42 -21.80 -10.22 27.16
C LEU D 42 -22.35 -8.99 26.44
N ALA D 43 -22.08 -7.81 27.01
CA ALA D 43 -22.42 -6.53 26.37
C ALA D 43 -21.69 -6.40 25.03
N ARG D 44 -20.38 -6.61 25.02
CA ARG D 44 -19.64 -6.52 23.75
C ARG D 44 -20.12 -7.53 22.71
N LEU D 45 -20.32 -8.78 23.14
CA LEU D 45 -20.73 -9.87 22.25
C LEU D 45 -22.06 -9.55 21.57
N ARG D 46 -23.03 -9.06 22.36
CA ARG D 46 -24.29 -8.60 21.78
C ARG D 46 -24.09 -7.44 20.80
N ARG D 47 -23.20 -6.50 21.14
CA ARG D 47 -22.93 -5.33 20.28
C ARG D 47 -22.32 -5.77 18.94
N HIS D 48 -21.34 -6.66 19.02
CA HIS D 48 -20.68 -7.19 17.85
C HIS D 48 -21.63 -8.00 16.95
N ALA D 49 -22.43 -8.87 17.56
CA ALA D 49 -23.47 -9.61 16.83
C ALA D 49 -24.46 -8.67 16.13
N LEU D 50 -24.98 -7.69 16.85
CA LEU D 50 -25.97 -6.80 16.23
C LEU D 50 -25.35 -5.98 15.06
N ALA D 51 -24.09 -5.57 15.20
CA ALA D 51 -23.43 -4.76 14.16
C ALA D 51 -23.27 -5.53 12.85
N LEU D 52 -23.20 -6.85 12.95
CA LEU D 52 -22.86 -7.69 11.83
C LEU D 52 -24.07 -8.49 11.35
N GLY D 53 -25.25 -8.08 11.82
CA GLY D 53 -26.54 -8.67 11.46
C GLY D 53 -26.75 -10.09 11.91
N LEU D 54 -26.09 -10.50 13.00
CA LEU D 54 -26.28 -11.84 13.54
C LEU D 54 -27.23 -11.84 14.73
N SER D 55 -28.24 -12.70 14.70
CA SER D 55 -29.15 -12.90 15.85
C SER D 55 -28.39 -13.24 17.13
N TYR D 56 -28.64 -12.45 18.17
CA TYR D 56 -28.10 -12.69 19.51
C TYR D 56 -29.01 -13.64 20.29
N PRO D 57 -28.49 -14.75 20.83
CA PRO D 57 -29.41 -15.70 21.49
C PRO D 57 -29.84 -15.35 22.93
N GLY D 58 -29.35 -14.23 23.45
CA GLY D 58 -29.76 -13.75 24.76
C GLY D 58 -28.79 -14.12 25.84
N ASP D 59 -28.75 -13.30 26.88
CA ASP D 59 -27.91 -13.54 28.02
C ASP D 59 -28.31 -14.79 28.77
N GLU D 60 -29.60 -15.02 28.96
CA GLU D 60 -30.00 -16.18 29.77
C GLU D 60 -29.48 -17.51 29.24
N ALA D 61 -29.52 -17.69 27.92
CA ALA D 61 -29.07 -18.90 27.27
C ALA D 61 -27.58 -19.11 27.53
N PHE D 62 -26.83 -18.01 27.43
CA PHE D 62 -25.40 -18.05 27.67
C PHE D 62 -25.09 -18.27 29.14
N LEU D 63 -25.91 -17.69 30.00
CA LEU D 63 -25.76 -17.87 31.45
C LEU D 63 -26.13 -19.28 31.90
N GLU D 64 -27.10 -19.88 31.20
CA GLU D 64 -27.43 -21.31 31.34
C GLU D 64 -26.21 -22.16 30.95
N ASP D 65 -25.66 -21.89 29.78
CA ASP D 65 -24.43 -22.55 29.34
C ASP D 65 -23.34 -22.42 30.37
N LEU D 66 -23.19 -21.20 30.90
CA LEU D 66 -22.10 -20.90 31.82
C LEU D 66 -22.14 -21.75 33.08
N GLU D 67 -23.34 -21.91 33.68
CA GLU D 67 -23.51 -22.76 34.87
C GLU D 67 -23.01 -24.18 34.62
N ALA D 68 -23.43 -24.74 33.48
CA ALA D 68 -23.02 -26.09 33.07
C ALA D 68 -21.51 -26.20 32.93
N LEU D 69 -20.90 -25.21 32.30
CA LEU D 69 -19.45 -25.24 32.08
C LEU D 69 -18.70 -25.21 33.40
N LEU D 70 -19.11 -24.30 34.27
CA LEU D 70 -18.51 -24.13 35.60
C LEU D 70 -18.69 -25.38 36.48
N ARG D 71 -19.83 -26.04 36.34
CA ARG D 71 -20.07 -27.30 37.02
C ARG D 71 -19.16 -28.42 36.56
N ALA D 72 -18.75 -28.37 35.30
CA ALA D 72 -17.88 -29.38 34.72
C ALA D 72 -16.43 -29.26 35.20
N PHE D 73 -16.07 -28.10 35.75
CA PHE D 73 -14.69 -27.85 36.23
C PHE D 73 -14.64 -27.28 37.63
N PRO D 74 -15.17 -28.01 38.63
CA PRO D 74 -15.33 -27.43 39.97
C PRO D 74 -13.99 -27.22 40.69
N LYS D 75 -12.96 -27.90 40.20
CA LYS D 75 -11.65 -27.95 40.86
C LYS D 75 -10.61 -27.05 40.15
N ALA D 76 -10.89 -26.62 38.92
CA ALA D 76 -9.94 -25.86 38.11
C ALA D 76 -9.64 -24.49 38.73
N PRO D 77 -8.34 -24.19 38.98
CA PRO D 77 -7.94 -22.89 39.52
C PRO D 77 -8.38 -21.75 38.61
N CYS D 78 -8.18 -21.92 37.31
CA CYS D 78 -8.69 -20.98 36.33
C CYS D 78 -9.15 -21.71 35.08
N LEU D 79 -10.00 -21.02 34.32
CA LEU D 79 -10.60 -21.54 33.11
C LEU D 79 -10.48 -20.49 32.02
N ARG D 80 -10.36 -20.95 30.79
CA ARG D 80 -10.56 -20.09 29.62
C ARG D 80 -11.90 -20.46 29.02
N LEU D 81 -12.72 -19.43 28.82
CA LEU D 81 -14.06 -19.64 28.31
C LEU D 81 -14.16 -18.96 26.98
N ARG D 82 -15.04 -19.49 26.15
CA ARG D 82 -15.30 -18.87 24.89
C ARG D 82 -16.76 -18.96 24.50
N PHE D 83 -17.33 -17.82 24.11
CA PHE D 83 -18.73 -17.72 23.72
C PHE D 83 -18.75 -17.25 22.28
N THR D 84 -19.42 -17.99 21.41
CA THR D 84 -19.41 -17.69 19.97
C THR D 84 -20.85 -17.62 19.46
N VAL D 85 -21.14 -16.58 18.71
CA VAL D 85 -22.42 -16.38 18.05
C VAL D 85 -22.33 -16.46 16.51
N GLY D 86 -23.16 -17.30 15.93
CA GLY D 86 -23.48 -17.21 14.50
C GLY D 86 -24.98 -17.43 14.35
N GLU D 87 -25.48 -17.29 13.12
CA GLU D 87 -26.87 -17.69 12.81
C GLU D 87 -27.13 -19.17 13.12
N GLY D 88 -28.05 -19.41 14.06
CA GLY D 88 -28.40 -20.75 14.55
C GLY D 88 -27.29 -21.38 15.38
N VAL D 89 -26.38 -20.57 15.90
CA VAL D 89 -25.25 -21.10 16.63
C VAL D 89 -25.05 -20.30 17.89
N ARG D 90 -25.14 -21.03 18.99
CA ARG D 90 -24.73 -20.54 20.29
CA ARG D 90 -24.73 -20.54 20.30
C ARG D 90 -23.69 -21.54 20.78
N LEU D 91 -22.43 -21.12 20.80
CA LEU D 91 -21.40 -22.01 21.20
C LEU D 91 -20.80 -21.47 22.49
N SER D 92 -20.67 -22.34 23.49
CA SER D 92 -20.11 -21.99 24.78
C SER D 92 -19.20 -23.12 25.19
N GLU D 93 -17.97 -22.76 25.56
CA GLU D 93 -16.97 -23.78 25.92
C GLU D 93 -16.02 -23.32 27.00
N ALA D 94 -15.42 -24.28 27.69
CA ALA D 94 -14.53 -24.02 28.79
C ALA D 94 -13.45 -25.06 28.80
N ARG D 95 -12.25 -24.60 29.12
CA ARG D 95 -11.14 -25.50 29.26
C ARG D 95 -10.22 -24.94 30.34
N PRO D 96 -9.41 -25.82 30.94
CA PRO D 96 -8.42 -25.42 31.94
C PRO D 96 -7.52 -24.32 31.37
N TYR D 97 -7.23 -23.32 32.18
CA TYR D 97 -6.34 -22.23 31.79
C TYR D 97 -4.96 -22.52 32.36
N ALA D 98 -3.92 -22.30 31.56
CA ALA D 98 -2.56 -22.37 32.09
C ALA D 98 -1.86 -21.02 31.90
N PRO D 99 -1.33 -20.45 32.98
CA PRO D 99 -0.66 -19.15 32.96
C PRO D 99 0.68 -19.20 32.23
N LEU D 100 1.10 -18.02 31.80
CA LEU D 100 2.43 -17.81 31.33
C LEU D 100 3.34 -17.87 32.54
N PRO D 101 4.65 -18.14 32.31
CA PRO D 101 5.59 -18.01 33.42
C PRO D 101 5.54 -16.61 34.05
N LEU D 102 5.53 -16.61 35.38
CA LEU D 102 5.53 -15.40 36.17
C LEU D 102 6.65 -14.42 35.79
N SER D 103 7.83 -14.96 35.42
CA SER D 103 8.97 -14.11 35.04
C SER D 103 8.66 -13.21 33.86
N LEU D 104 7.78 -13.66 32.96
CA LEU D 104 7.39 -12.85 31.80
C LEU D 104 6.79 -11.50 32.15
N TYR D 105 6.11 -11.46 33.30
CA TYR D 105 5.46 -10.22 33.75
C TYR D 105 6.50 -9.28 34.36
N ARG D 106 7.63 -9.84 34.77
CA ARG D 106 8.74 -9.08 35.35
C ARG D 106 9.72 -8.64 34.28
N GLU D 107 10.11 -9.60 33.45
CA GLU D 107 11.13 -9.42 32.41
C GLU D 107 10.60 -9.04 31.00
N GLY D 108 9.30 -9.21 30.79
CA GLY D 108 8.68 -8.79 29.55
C GLY D 108 8.82 -9.74 28.38
N VAL D 109 8.03 -9.51 27.36
CA VAL D 109 8.05 -10.29 26.13
C VAL D 109 8.53 -9.43 24.93
N ARG D 110 8.87 -10.12 23.84
CA ARG D 110 9.20 -9.50 22.55
C ARG D 110 7.94 -9.40 21.68
N VAL D 111 7.78 -8.29 20.96
CA VAL D 111 6.82 -8.22 19.86
C VAL D 111 7.50 -8.14 18.51
N ARG D 112 6.76 -8.48 17.48
CA ARG D 112 7.18 -8.30 16.12
C ARG D 112 6.11 -7.46 15.42
N LEU D 113 6.53 -6.35 14.83
CA LEU D 113 5.63 -5.60 13.95
C LEU D 113 5.53 -6.33 12.61
N THR D 114 4.31 -6.65 12.18
CA THR D 114 4.17 -7.36 10.90
C THR D 114 3.64 -6.40 9.84
N GLY D 115 3.59 -6.86 8.60
CA GLY D 115 2.93 -6.12 7.52
C GLY D 115 1.45 -6.47 7.32
N TYR D 116 0.93 -7.41 8.13
CA TYR D 116 -0.49 -7.76 8.03
C TYR D 116 -1.39 -6.63 8.48
N ARG D 117 -2.49 -6.47 7.77
CA ARG D 117 -3.49 -5.44 8.09
C ARG D 117 -4.76 -6.07 8.70
N VAL D 118 -5.41 -5.32 9.60
CA VAL D 118 -6.82 -5.56 9.96
C VAL D 118 -7.75 -5.26 8.76
N HIS D 119 -8.96 -5.82 8.81
CA HIS D 119 -9.95 -5.43 7.84
C HIS D 119 -10.57 -4.07 8.16
N PRO D 120 -10.69 -3.21 7.14
CA PRO D 120 -11.15 -1.86 7.37
C PRO D 120 -12.52 -1.83 8.04
N ASP D 121 -13.37 -2.78 7.73
CA ASP D 121 -14.74 -2.74 8.24
C ASP D 121 -14.98 -3.64 9.47
N LEU D 122 -14.11 -4.60 9.71
CA LEU D 122 -14.30 -5.57 10.78
C LEU D 122 -13.31 -5.45 11.94
N ALA D 123 -12.38 -4.49 11.84
CA ALA D 123 -11.31 -4.35 12.82
C ALA D 123 -11.82 -4.10 14.23
N ARG D 124 -12.99 -3.47 14.30
CA ARG D 124 -13.53 -3.08 15.58
C ARG D 124 -14.31 -4.23 16.22
N TYR D 125 -14.59 -5.27 15.43
CA TYR D 125 -15.37 -6.44 15.89
C TYR D 125 -14.49 -7.67 16.07
N LYS D 126 -14.90 -8.52 17.03
CA LYS D 126 -14.22 -9.78 17.31
C LYS D 126 -14.93 -10.88 16.53
N THR D 127 -14.46 -11.11 15.29
CA THR D 127 -15.16 -11.97 14.34
C THR D 127 -14.37 -13.23 13.97
N GLY D 128 -15.08 -14.19 13.39
CA GLY D 128 -14.51 -15.38 12.79
C GLY D 128 -13.64 -15.13 11.57
N ASN D 129 -13.55 -13.88 11.11
CA ASN D 129 -12.62 -13.58 10.03
C ASN D 129 -11.28 -13.23 10.63
N TYR D 130 -10.57 -14.26 11.08
CA TYR D 130 -9.48 -14.07 12.03
C TYR D 130 -8.13 -14.45 11.37
N LEU D 131 -8.14 -14.73 10.10
CA LEU D 131 -6.93 -15.16 9.37
C LEU D 131 -5.73 -14.17 9.46
N PRO D 132 -5.98 -12.87 9.23
CA PRO D 132 -4.85 -11.93 9.35
C PRO D 132 -4.15 -12.00 10.73
N TYR D 133 -4.94 -12.15 11.80
CA TYR D 133 -4.42 -12.26 13.15
C TYR D 133 -3.66 -13.57 13.31
N ARG D 134 -4.19 -14.64 12.76
CA ARG D 134 -3.42 -15.91 12.80
C ARG D 134 -2.05 -15.74 12.14
N LEU D 135 -2.07 -15.20 10.91
CA LEU D 135 -0.84 -15.01 10.13
C LEU D 135 0.16 -14.07 10.83
N ALA D 136 -0.37 -13.02 11.49
CA ALA D 136 0.46 -12.13 12.26
C ALA D 136 1.14 -12.85 13.45
N LEU D 137 0.41 -13.70 14.17
CA LEU D 137 1.01 -14.44 15.28
C LEU D 137 2.01 -15.48 14.76
N GLU D 138 1.67 -16.15 13.65
CA GLU D 138 2.60 -17.13 13.06
C GLU D 138 3.94 -16.49 12.68
N GLU D 139 3.89 -15.31 12.06
CA GLU D 139 5.11 -14.56 11.79
C GLU D 139 5.88 -14.19 13.05
N ALA D 140 5.19 -13.69 14.07
CA ALA D 140 5.85 -13.32 15.30
C ALA D 140 6.61 -14.50 15.93
N ARG D 141 5.92 -15.63 16.01
CA ARG D 141 6.49 -16.82 16.64
C ARG D 141 7.68 -17.36 15.83
N LYS D 142 7.55 -17.36 14.50
CA LYS D 142 8.71 -17.70 13.64
C LYS D 142 9.95 -16.87 14.03
N GLU D 143 9.75 -15.58 14.32
CA GLU D 143 10.81 -14.65 14.71
C GLU D 143 11.13 -14.67 16.18
N GLY D 144 10.64 -15.67 16.89
CA GLY D 144 10.94 -15.81 18.31
C GLY D 144 10.25 -14.82 19.23
N ALA D 145 9.21 -14.14 18.73
CA ALA D 145 8.44 -13.14 19.51
C ALA D 145 7.13 -13.68 20.07
N PHE D 146 6.61 -13.00 21.10
CA PHE D 146 5.36 -13.39 21.76
C PHE D 146 4.11 -12.98 20.97
N GLU D 147 4.13 -11.77 20.43
CA GLU D 147 2.91 -11.26 19.79
C GLU D 147 3.28 -10.58 18.50
N GLY D 148 2.39 -10.68 17.51
CA GLY D 148 2.54 -9.97 16.26
C GLY D 148 1.59 -8.80 16.22
N LEU D 149 2.10 -7.65 15.74
CA LEU D 149 1.29 -6.44 15.56
C LEU D 149 0.83 -6.23 14.14
N LEU D 150 -0.39 -5.68 14.00
CA LEU D 150 -1.05 -5.45 12.71
C LEU D 150 -1.29 -3.95 12.45
N LEU D 151 -1.40 -3.60 11.17
CA LEU D 151 -1.54 -2.21 10.69
C LEU D 151 -2.96 -1.94 10.21
N ASP D 152 -3.31 -0.65 10.12
CA ASP D 152 -4.48 -0.25 9.37
C ASP D 152 -4.05 0.10 7.93
N ALA D 153 -5.01 0.56 7.12
CA ALA D 153 -4.75 0.87 5.72
C ALA D 153 -3.67 1.93 5.55
N PHE D 154 -3.54 2.81 6.54
CA PHE D 154 -2.62 3.94 6.44
C PHE D 154 -1.26 3.71 7.08
N GLY D 155 -1.01 2.47 7.50
CA GLY D 155 0.25 2.17 8.19
C GLY D 155 0.33 2.47 9.68
N HIS D 156 -0.78 2.86 10.31
CA HIS D 156 -0.77 2.96 11.76
C HIS D 156 -0.67 1.52 12.32
N VAL D 157 0.00 1.37 13.48
CA VAL D 157 0.00 0.10 14.23
C VAL D 157 -1.24 0.09 15.11
N VAL D 158 -2.16 -0.82 14.82
CA VAL D 158 -3.48 -0.78 15.50
C VAL D 158 -3.94 -1.98 16.35
N ASP D 159 -3.21 -3.09 16.33
CA ASP D 159 -3.66 -4.23 17.12
C ASP D 159 -2.54 -5.25 17.27
N GLY D 160 -2.71 -6.10 18.28
CA GLY D 160 -1.95 -7.35 18.37
C GLY D 160 -2.83 -8.46 17.83
N SER D 161 -2.27 -9.65 17.58
CA SER D 161 -3.10 -10.77 17.09
C SER D 161 -4.20 -11.21 18.11
N ARG D 162 -3.90 -11.15 19.41
CA ARG D 162 -4.90 -11.48 20.44
C ARG D 162 -4.78 -10.62 21.68
N THR D 163 -3.95 -9.58 21.60
CA THR D 163 -3.81 -8.62 22.68
C THR D 163 -3.92 -7.20 22.13
N SER D 164 -4.18 -6.25 23.03
CA SER D 164 -4.40 -4.85 22.67
C SER D 164 -3.14 -4.07 23.08
N PRO D 165 -2.51 -3.37 22.13
CA PRO D 165 -1.27 -2.72 22.52
C PRO D 165 -1.47 -1.36 23.19
N LEU D 166 -0.64 -1.08 24.20
CA LEU D 166 -0.63 0.21 24.89
C LEU D 166 0.78 0.77 24.90
N LEU D 167 0.89 2.09 24.94
CA LEU D 167 2.18 2.77 25.00
C LEU D 167 2.26 3.63 26.24
N PHE D 168 3.36 3.52 26.98
CA PHE D 168 3.58 4.36 28.15
C PHE D 168 4.85 5.17 28.03
N ARG D 169 4.70 6.50 28.11
CA ARG D 169 5.83 7.42 28.05
C ARG D 169 5.64 8.55 29.08
N GLU D 170 6.74 8.91 29.74
CA GLU D 170 6.76 9.99 30.73
C GLU D 170 5.78 9.66 31.89
N GLY D 171 4.53 10.11 31.77
CA GLY D 171 3.54 9.74 32.78
C GLY D 171 2.15 9.52 32.20
N THR D 172 2.10 9.25 30.90
CA THR D 172 0.84 9.06 30.19
CA THR D 172 0.85 9.08 30.18
C THR D 172 0.76 7.70 29.49
N LEU D 173 -0.39 7.06 29.63
CA LEU D 173 -0.68 5.79 28.97
C LEU D 173 -1.56 6.06 27.76
N TYR D 174 -1.06 5.67 26.59
CA TYR D 174 -1.80 5.79 25.34
C TYR D 174 -2.43 4.47 24.93
N LEU D 175 -3.71 4.52 24.58
CA LEU D 175 -4.38 3.38 23.97
C LEU D 175 -4.38 3.58 22.46
N LEU D 176 -3.84 2.58 21.75
CA LEU D 176 -3.64 2.71 20.32
C LEU D 176 -4.96 2.45 19.63
N GLU D 177 -5.45 3.42 18.84
CA GLU D 177 -6.73 3.27 18.16
C GLU D 177 -6.61 2.45 16.89
N GLY D 178 -7.78 2.09 16.34
CA GLY D 178 -7.90 1.44 15.04
C GLY D 178 -8.08 -0.07 15.02
N GLY D 179 -8.11 -0.70 16.19
CA GLY D 179 -8.26 -2.14 16.29
C GLY D 179 -9.53 -2.47 17.08
N LEU D 180 -9.50 -3.61 17.77
CA LEU D 180 -10.57 -4.00 18.68
C LEU D 180 -10.50 -3.16 19.95
N GLU D 181 -11.62 -2.59 20.40
CA GLU D 181 -11.68 -2.07 21.77
C GLU D 181 -11.75 -3.29 22.70
N GLY D 182 -10.58 -3.72 23.13
CA GLY D 182 -10.44 -4.74 24.12
C GLY D 182 -11.02 -4.29 25.45
N ILE D 183 -11.61 -5.25 26.14
CA ILE D 183 -12.17 -5.05 27.46
C ILE D 183 -11.03 -4.84 28.46
N THR D 184 -9.97 -5.65 28.37
CA THR D 184 -8.85 -5.55 29.30
C THR D 184 -8.22 -4.17 29.22
N ARG D 185 -7.98 -3.68 28.02
CA ARG D 185 -7.38 -2.37 27.84
C ARG D 185 -8.16 -1.26 28.56
N GLU D 186 -9.46 -1.24 28.34
CA GLU D 186 -10.35 -0.29 29.05
C GLU D 186 -10.24 -0.38 30.57
N LYS D 187 -10.14 -1.61 31.09
CA LYS D 187 -9.94 -1.82 32.50
C LYS D 187 -8.57 -1.30 32.93
N VAL D 188 -7.55 -1.55 32.11
CA VAL D 188 -6.21 -1.06 32.43
C VAL D 188 -6.19 0.48 32.48
N ALA D 189 -6.83 1.11 31.50
CA ALA D 189 -6.99 2.55 31.45
C ALA D 189 -7.61 3.07 32.76
N GLU D 190 -8.75 2.48 33.11
CA GLU D 190 -9.50 2.79 34.32
C GLU D 190 -8.61 2.76 35.57
N ALA D 191 -7.90 1.67 35.77
CA ALA D 191 -6.96 1.52 36.88
C ALA D 191 -5.80 2.53 36.85
N ALA D 192 -5.33 2.88 35.66
CA ALA D 192 -4.22 3.82 35.49
C ALA D 192 -4.60 5.24 35.91
N ARG D 193 -5.79 5.67 35.51
CA ARG D 193 -6.35 6.92 36.01
C ARG D 193 -6.34 6.91 37.55
N GLY D 194 -6.96 5.89 38.15
CA GLY D 194 -7.00 5.74 39.61
C GLY D 194 -5.63 5.76 40.27
N LEU D 195 -4.58 5.55 39.48
CA LEU D 195 -3.20 5.62 39.97
C LEU D 195 -2.59 7.02 39.84
N GLY D 196 -3.38 7.95 39.32
CA GLY D 196 -2.89 9.30 39.02
C GLY D 196 -2.07 9.32 37.74
N LEU D 197 -2.39 8.40 36.83
CA LEU D 197 -1.81 8.44 35.49
C LEU D 197 -2.81 9.04 34.52
N ARG D 198 -2.30 9.81 33.57
CA ARG D 198 -3.09 10.38 32.50
C ARG D 198 -3.23 9.34 31.39
N VAL D 199 -4.35 9.38 30.69
CA VAL D 199 -4.65 8.41 29.64
C VAL D 199 -5.18 9.11 28.39
N GLU D 200 -4.51 8.85 27.26
CA GLU D 200 -4.96 9.36 25.97
C GLU D 200 -5.11 8.24 24.94
N ARG D 201 -5.99 8.46 23.97
CA ARG D 201 -6.22 7.55 22.84
C ARG D 201 -5.72 8.24 21.58
N GLY D 202 -5.08 7.48 20.69
CA GLY D 202 -4.64 8.04 19.40
C GLY D 202 -4.31 7.00 18.35
N LEU D 203 -4.12 7.45 17.12
CA LEU D 203 -3.57 6.60 16.08
C LEU D 203 -2.08 6.85 16.03
N PHE D 204 -1.32 5.76 16.11
CA PHE D 204 0.15 5.81 16.18
C PHE D 204 0.78 5.07 15.01
N ARG D 205 1.82 5.68 14.44
CA ARG D 205 2.69 5.03 13.46
C ARG D 205 3.80 4.30 14.22
N PRO D 206 4.44 3.30 13.62
CA PRO D 206 5.55 2.57 14.28
C PRO D 206 6.56 3.50 14.97
N GLU D 207 6.98 4.56 14.27
CA GLU D 207 7.98 5.49 14.75
C GLU D 207 7.47 6.34 15.89
N GLY D 208 6.15 6.36 16.05
CA GLY D 208 5.54 7.09 17.15
C GLY D 208 5.57 6.30 18.44
N LEU D 209 6.02 5.04 18.36
CA LEU D 209 5.98 4.16 19.52
C LEU D 209 7.25 4.31 20.36
N ARG D 210 7.39 5.49 20.94
CA ARG D 210 8.48 5.80 21.85
C ARG D 210 7.99 5.59 23.25
N GLY D 211 8.71 4.75 23.99
CA GLY D 211 8.36 4.51 25.37
C GLY D 211 8.22 3.02 25.61
N HIS D 212 7.40 2.66 26.58
CA HIS D 212 7.21 1.27 26.94
C HIS D 212 5.90 0.76 26.36
N LEU D 213 6.01 -0.25 25.50
CA LEU D 213 4.84 -0.98 25.01
C LEU D 213 4.37 -2.00 26.04
N LEU D 214 3.06 -2.20 26.08
CA LEU D 214 2.46 -3.26 26.88
C LEU D 214 1.30 -3.88 26.09
N LEU D 215 0.90 -5.08 26.51
CA LEU D 215 -0.14 -5.86 25.86
C LEU D 215 -1.21 -6.23 26.87
N ALA D 216 -2.47 -5.94 26.54
CA ALA D 216 -3.58 -6.27 27.41
C ALA D 216 -4.48 -7.27 26.69
N GLY D 217 -5.00 -8.26 27.41
CA GLY D 217 -6.00 -9.18 26.86
C GLY D 217 -6.59 -10.10 27.94
N SER D 218 -7.74 -10.69 27.63
CA SER D 218 -8.45 -11.54 28.61
C SER D 218 -7.67 -12.78 29.00
N GLY D 219 -6.80 -13.24 28.09
CA GLY D 219 -5.96 -14.41 28.30
C GLY D 219 -4.59 -14.17 28.92
N VAL D 220 -4.15 -12.92 29.04
CA VAL D 220 -2.84 -12.65 29.60
C VAL D 220 -2.82 -11.65 30.76
N GLY D 221 -3.90 -10.89 30.94
CA GLY D 221 -3.85 -9.73 31.82
C GLY D 221 -3.14 -8.54 31.17
N LEU D 222 -2.11 -8.05 31.83
CA LEU D 222 -1.30 -6.93 31.30
C LEU D 222 0.15 -7.34 31.30
N LEU D 223 0.69 -7.43 30.10
CA LEU D 223 2.01 -7.98 29.90
C LEU D 223 2.91 -6.90 29.32
N PRO D 224 4.08 -6.65 29.95
CA PRO D 224 4.94 -5.63 29.41
C PRO D 224 5.77 -6.19 28.26
N VAL D 225 6.08 -5.33 27.29
CA VAL D 225 7.06 -5.63 26.27
C VAL D 225 8.40 -5.11 26.80
N ARG D 226 9.40 -6.01 26.89
CA ARG D 226 10.68 -5.71 27.54
C ARG D 226 10.42 -5.33 29.00
N PRO D 227 11.47 -5.23 29.82
CA PRO D 227 11.22 -4.89 31.23
C PRO D 227 10.34 -3.65 31.37
N PRO D 228 9.33 -3.72 32.27
CA PRO D 228 8.48 -2.54 32.45
C PRO D 228 9.17 -1.45 33.28
N PRO D 229 8.69 -0.20 33.15
CA PRO D 229 9.11 0.82 34.09
C PRO D 229 8.34 0.66 35.41
N PRO D 230 8.96 1.05 36.53
CA PRO D 230 8.29 0.93 37.83
C PRO D 230 6.97 1.71 37.97
N GLU D 231 6.72 2.68 37.10
CA GLU D 231 5.45 3.43 37.10
C GLU D 231 4.25 2.52 36.75
N LEU D 232 4.56 1.33 36.26
CA LEU D 232 3.53 0.42 35.77
C LEU D 232 3.43 -0.88 36.57
N LEU D 233 4.43 -1.14 37.40
CA LEU D 233 4.41 -2.30 38.29
C LEU D 233 3.06 -2.51 39.00
N PRO D 234 2.54 -1.46 39.68
CA PRO D 234 1.17 -1.48 40.22
C PRO D 234 0.11 -2.03 39.27
N LEU D 235 0.12 -1.57 38.02
CA LEU D 235 -0.88 -1.99 37.02
C LEU D 235 -0.69 -3.44 36.62
N ILE D 236 0.57 -3.83 36.42
CA ILE D 236 0.91 -5.22 36.08
C ILE D 236 0.44 -6.17 37.19
N GLU D 237 0.73 -5.82 38.44
CA GLU D 237 0.24 -6.56 39.62
C GLU D 237 -1.27 -6.74 39.61
N ARG D 238 -1.99 -5.65 39.37
CA ARG D 238 -3.46 -5.67 39.42
C ARG D 238 -4.07 -6.64 38.41
N PHE D 239 -3.43 -6.80 37.25
CA PHE D 239 -4.04 -7.56 36.15
C PHE D 239 -3.47 -8.95 35.94
N LEU D 240 -2.48 -9.29 36.75
CA LEU D 240 -1.80 -10.58 36.68
C LEU D 240 -2.79 -11.71 36.98
N PRO D 241 -2.89 -12.69 36.06
CA PRO D 241 -3.85 -13.78 36.25
C PRO D 241 -3.61 -14.50 37.58
N ALA D 242 -4.67 -14.70 38.35
CA ALA D 242 -4.55 -15.41 39.63
C ALA D 242 -4.57 -16.93 39.47
N CYS D 243 -3.61 -17.47 38.72
CA CYS D 243 -3.71 -18.84 38.20
C CYS D 243 -2.50 -19.74 38.40
N TYR D 244 -1.57 -19.38 39.29
CA TYR D 244 -0.41 -20.24 39.59
C TYR D 244 -0.72 -21.29 40.67
N THR D 245 -0.03 -22.44 40.64
CA THR D 245 -0.38 -23.56 41.55
C THR D 245 -0.41 -23.16 43.03
N GLU D 246 -1.58 -23.40 43.65
CA GLU D 246 -2.00 -22.81 44.96
C GLU D 246 -0.89 -22.42 45.96
#